data_4BNX
#
_entry.id   4BNX
#
_cell.length_a   109.430
_cell.length_b   140.920
_cell.length_c   143.210
_cell.angle_alpha   90.00
_cell.angle_beta   90.00
_cell.angle_gamma   90.00
#
_symmetry.space_group_name_H-M   'I 2 2 2'
#
loop_
_entity.id
_entity.type
_entity.pdbx_description
1 polymer '3-OXOACYL-[ACYL-CARRIER-PROTEIN] REDUCTASE FABG'
2 non-polymer 6-[4-(2-chloroanilino)-1H-quinazolin-2-ylidene]cyclohexa-2,4-dien-1-one
3 water water
#
_entity_poly.entity_id   1
_entity_poly.type   'polypeptide(L)'
_entity_poly.pdbx_seq_one_letter_code
;MHHHHHHSSGVDLGTENLYFQSMSLQGKVALVTGASRGIGQAIALELGRLGAVVIGTATSASGAEKIAETLKANGVEGAG
LVLDVSSDESVAATLEHIQQHLGQPLIVVNNAGITRDNLLVRMKDDEWFDVVNTNLNSLYRLSKAVLRGMTKARWGRIIN
IGSVVGAMGNAGQTNYAAAKAGLEGFTRALAREVGSRAITVNAVAPGFIDTDMTRELPEAQREALLGQIPLGRLGQAEEI
AKVVGFLASDGAAYVTGATVPVNGGMYMS
;
_entity_poly.pdbx_strand_id   A,B,C,D
#
# COMPACT_ATOMS: atom_id res chain seq x y z
N GLN A 21 -21.77 -8.17 27.32
CA GLN A 21 -23.20 -7.72 27.22
C GLN A 21 -23.58 -7.41 25.75
N SER A 22 -22.95 -6.41 25.16
CA SER A 22 -23.20 -6.03 23.76
C SER A 22 -22.34 -6.84 22.73
N MET A 23 -21.17 -7.31 23.17
CA MET A 23 -20.20 -8.02 22.29
C MET A 23 -20.41 -9.57 22.39
N SER A 24 -21.54 -9.98 22.99
CA SER A 24 -21.88 -11.40 23.14
C SER A 24 -22.07 -12.12 21.81
N LEU A 25 -21.63 -13.38 21.74
CA LEU A 25 -21.87 -14.27 20.58
C LEU A 25 -22.84 -15.39 20.96
N GLN A 26 -23.61 -15.13 22.01
CA GLN A 26 -24.71 -15.97 22.41
C GLN A 26 -25.55 -16.36 21.21
N GLY A 27 -25.75 -17.66 21.02
CA GLY A 27 -26.61 -18.15 19.94
C GLY A 27 -25.94 -18.26 18.58
N LYS A 28 -24.65 -17.96 18.49
CA LYS A 28 -23.92 -18.13 17.24
C LYS A 28 -23.14 -19.42 17.34
N VAL A 29 -22.94 -20.07 16.20
CA VAL A 29 -22.01 -21.19 16.11
C VAL A 29 -20.76 -20.79 15.30
N ALA A 30 -19.59 -21.19 15.81
CA ALA A 30 -18.33 -20.80 15.28
C ALA A 30 -17.47 -22.03 14.99
N LEU A 31 -16.86 -22.01 13.82
CA LEU A 31 -15.93 -23.04 13.42
C LEU A 31 -14.55 -22.40 13.41
N VAL A 32 -13.61 -23.06 14.05
CA VAL A 32 -12.28 -22.55 14.20
C VAL A 32 -11.31 -23.64 13.80
N THR A 33 -10.62 -23.47 12.68
CA THR A 33 -9.75 -24.51 12.21
C THR A 33 -8.42 -24.38 12.91
N GLY A 34 -7.69 -25.48 12.93
CA GLY A 34 -6.40 -25.55 13.64
C GLY A 34 -6.44 -25.09 15.08
N ALA A 35 -7.41 -25.60 15.86
CA ALA A 35 -7.69 -25.07 17.20
C ALA A 35 -7.04 -25.82 18.32
N SER A 36 -6.16 -26.75 18.03
CA SER A 36 -5.66 -27.65 19.09
C SER A 36 -4.59 -27.01 19.98
N ARG A 37 -4.01 -25.90 19.53
CA ARG A 37 -2.98 -25.19 20.31
C ARG A 37 -2.71 -23.75 19.79
N GLY A 38 -1.89 -23.02 20.55
CA GLY A 38 -1.53 -21.65 20.28
C GLY A 38 -2.72 -20.76 19.90
N ILE A 39 -2.52 -20.02 18.81
CA ILE A 39 -3.45 -18.97 18.35
C ILE A 39 -4.85 -19.53 18.17
N GLY A 40 -4.96 -20.60 17.41
CA GLY A 40 -6.25 -21.24 17.17
C GLY A 40 -6.98 -21.64 18.44
N GLN A 41 -6.23 -22.20 19.39
CA GLN A 41 -6.84 -22.55 20.66
C GLN A 41 -7.30 -21.31 21.37
N ALA A 42 -6.42 -20.31 21.47
CA ALA A 42 -6.82 -19.09 22.17
C ALA A 42 -8.09 -18.50 21.59
N ILE A 43 -8.25 -18.60 20.28
CA ILE A 43 -9.44 -18.09 19.59
C ILE A 43 -10.66 -18.94 19.95
N ALA A 44 -10.50 -20.26 19.93
CA ALA A 44 -11.63 -21.12 20.28
C ALA A 44 -12.17 -20.75 21.65
N LEU A 45 -11.27 -20.60 22.61
CA LEU A 45 -11.66 -20.24 23.95
C LEU A 45 -12.28 -18.86 24.06
N GLU A 46 -11.78 -17.89 23.27
CA GLU A 46 -12.27 -16.54 23.37
C GLU A 46 -13.66 -16.45 22.82
N LEU A 47 -13.90 -17.11 21.72
CA LEU A 47 -15.24 -17.11 21.17
C LEU A 47 -16.17 -17.85 22.12
N GLY A 48 -15.72 -18.98 22.64
CA GLY A 48 -16.49 -19.73 23.66
C GLY A 48 -16.89 -18.85 24.84
N ARG A 49 -15.91 -18.17 25.42
CA ARG A 49 -16.17 -17.28 26.52
C ARG A 49 -17.09 -16.12 26.16
N LEU A 50 -17.09 -15.70 24.91
CA LEU A 50 -18.03 -14.67 24.48
C LEU A 50 -19.43 -15.25 24.27
N GLY A 51 -19.59 -16.55 24.46
CA GLY A 51 -20.92 -17.16 24.44
C GLY A 51 -21.21 -18.08 23.27
N ALA A 52 -20.31 -18.17 22.32
CA ALA A 52 -20.58 -18.98 21.15
C ALA A 52 -20.44 -20.47 21.41
N VAL A 53 -21.19 -21.24 20.64
CA VAL A 53 -20.93 -22.66 20.52
C VAL A 53 -19.77 -22.79 19.56
N VAL A 54 -18.77 -23.58 19.92
CA VAL A 54 -17.51 -23.61 19.18
C VAL A 54 -17.11 -25.00 18.71
N ILE A 55 -16.91 -25.17 17.42
CA ILE A 55 -16.31 -26.37 16.87
C ILE A 55 -14.86 -26.09 16.46
N GLY A 56 -13.91 -26.66 17.19
CA GLY A 56 -12.51 -26.54 16.86
C GLY A 56 -12.13 -27.75 16.05
N THR A 57 -11.15 -27.61 15.16
CA THR A 57 -10.74 -28.74 14.32
C THR A 57 -9.23 -28.93 14.28
N ALA A 58 -8.83 -30.14 13.91
CA ALA A 58 -7.42 -30.48 13.77
C ALA A 58 -7.25 -31.49 12.64
N THR A 59 -6.01 -31.69 12.22
CA THR A 59 -5.74 -32.63 11.12
C THR A 59 -5.76 -34.08 11.63
N SER A 60 -5.49 -34.27 12.94
CA SER A 60 -5.41 -35.58 13.56
C SER A 60 -6.54 -35.84 14.54
N ALA A 61 -6.88 -37.11 14.73
CA ALA A 61 -7.88 -37.53 15.72
C ALA A 61 -7.46 -37.18 17.16
N SER A 62 -6.17 -37.20 17.46
CA SER A 62 -5.70 -36.87 18.81
C SER A 62 -5.86 -35.39 19.13
N GLY A 63 -5.50 -34.54 18.17
CA GLY A 63 -5.80 -33.10 18.26
C GLY A 63 -7.29 -32.83 18.48
N ALA A 64 -8.14 -33.53 17.74
CA ALA A 64 -9.60 -33.36 17.87
C ALA A 64 -10.12 -33.79 19.24
N GLU A 65 -9.51 -34.81 19.83
CA GLU A 65 -9.77 -35.20 21.22
C GLU A 65 -9.33 -34.08 22.15
N LYS A 66 -8.11 -33.59 21.97
CA LYS A 66 -7.58 -32.50 22.81
C LYS A 66 -8.47 -31.27 22.82
N ILE A 67 -8.95 -30.89 21.64
CA ILE A 67 -9.85 -29.75 21.51
C ILE A 67 -11.10 -29.98 22.34
N ALA A 68 -11.80 -31.08 22.07
CA ALA A 68 -13.07 -31.40 22.82
C ALA A 68 -12.89 -31.41 24.32
N GLU A 69 -11.77 -31.98 24.79
CA GLU A 69 -11.39 -31.92 26.20
C GLU A 69 -11.23 -30.49 26.70
N THR A 70 -10.50 -29.69 25.92
CA THR A 70 -10.18 -28.32 26.29
C THR A 70 -11.46 -27.48 26.41
N LEU A 71 -12.39 -27.70 25.47
CA LEU A 71 -13.66 -26.99 25.47
C LEU A 71 -14.52 -27.31 26.68
N LYS A 72 -14.68 -28.60 26.96
CA LYS A 72 -15.37 -29.04 28.18
C LYS A 72 -14.76 -28.39 29.42
N ALA A 73 -13.46 -28.57 29.60
CA ALA A 73 -12.75 -27.97 30.73
C ALA A 73 -12.98 -26.46 30.93
N ASN A 74 -13.25 -25.70 29.86
CA ASN A 74 -13.48 -24.26 30.01
C ASN A 74 -14.95 -23.84 30.05
N GLY A 75 -15.85 -24.81 30.08
CA GLY A 75 -17.28 -24.53 30.12
C GLY A 75 -17.89 -24.06 28.81
N VAL A 76 -17.40 -24.61 27.69
CA VAL A 76 -17.81 -24.18 26.36
C VAL A 76 -18.52 -25.31 25.64
N GLU A 77 -19.76 -25.10 25.23
CA GLU A 77 -20.45 -26.13 24.46
C GLU A 77 -19.83 -26.19 23.07
N GLY A 78 -19.57 -27.37 22.57
CA GLY A 78 -19.20 -27.53 21.19
C GLY A 78 -18.60 -28.90 20.90
N ALA A 79 -17.55 -28.92 20.09
CA ALA A 79 -16.95 -30.18 19.68
C ALA A 79 -15.55 -29.99 19.08
N GLY A 80 -14.79 -31.08 19.12
CA GLY A 80 -13.52 -31.20 18.41
C GLY A 80 -13.69 -32.18 17.28
N LEU A 81 -13.39 -31.76 16.05
CA LEU A 81 -13.50 -32.64 14.87
C LEU A 81 -12.21 -32.68 14.08
N VAL A 82 -12.15 -33.61 13.14
CA VAL A 82 -10.98 -33.75 12.30
C VAL A 82 -11.35 -33.10 10.99
N LEU A 83 -10.46 -32.24 10.49
CA LEU A 83 -10.70 -31.54 9.23
C LEU A 83 -9.43 -31.30 8.45
N ASP A 84 -9.46 -31.63 7.17
CA ASP A 84 -8.35 -31.32 6.29
C ASP A 84 -8.85 -30.39 5.19
N VAL A 85 -8.51 -29.11 5.34
CA VAL A 85 -9.01 -28.06 4.44
C VAL A 85 -8.54 -28.19 2.99
N SER A 86 -7.51 -29.00 2.77
CA SER A 86 -7.08 -29.32 1.41
C SER A 86 -8.01 -30.31 0.71
N SER A 87 -8.93 -30.94 1.44
CA SER A 87 -9.80 -31.96 0.85
C SER A 87 -11.26 -31.53 0.72
N ASP A 88 -11.77 -31.48 -0.50
CA ASP A 88 -13.19 -31.21 -0.74
C ASP A 88 -14.10 -32.13 0.05
N GLU A 89 -13.69 -33.39 0.17
CA GLU A 89 -14.49 -34.40 0.87
C GLU A 89 -14.51 -34.12 2.39
N SER A 90 -13.33 -33.94 3.00
CA SER A 90 -13.24 -33.63 4.42
C SER A 90 -14.02 -32.38 4.81
N VAL A 91 -13.97 -31.38 3.94
CA VAL A 91 -14.72 -30.15 4.17
C VAL A 91 -16.22 -30.42 4.12
N ALA A 92 -16.70 -30.95 2.99
CA ALA A 92 -18.15 -31.21 2.84
C ALA A 92 -18.67 -32.07 4.00
N ALA A 93 -17.88 -33.08 4.37
CA ALA A 93 -18.25 -34.02 5.43
C ALA A 93 -18.35 -33.32 6.78
N THR A 94 -17.31 -32.58 7.14
CA THR A 94 -17.26 -31.92 8.44
C THR A 94 -18.41 -30.91 8.61
N LEU A 95 -18.71 -30.18 7.56
CA LEU A 95 -19.83 -29.23 7.58
CA LEU A 95 -19.83 -29.23 7.58
C LEU A 95 -21.16 -29.92 7.74
N GLU A 96 -21.36 -30.99 6.96
CA GLU A 96 -22.59 -31.81 7.04
C GLU A 96 -22.78 -32.27 8.49
N HIS A 97 -21.73 -32.78 9.11
CA HIS A 97 -21.79 -33.17 10.51
C HIS A 97 -22.19 -32.02 11.43
N ILE A 98 -21.60 -30.86 11.24
CA ILE A 98 -21.85 -29.73 12.15
C ILE A 98 -23.29 -29.25 12.04
N GLN A 99 -23.80 -29.14 10.82
CA GLN A 99 -25.18 -28.71 10.60
C GLN A 99 -26.17 -29.67 11.28
N GLN A 100 -25.92 -30.97 11.14
CA GLN A 100 -26.80 -32.00 11.69
C GLN A 100 -26.82 -31.99 13.23
N HIS A 101 -25.64 -31.89 13.84
CA HIS A 101 -25.54 -31.98 15.30
C HIS A 101 -25.57 -30.68 16.09
N LEU A 102 -25.15 -29.55 15.50
CA LEU A 102 -24.91 -28.33 16.30
C LEU A 102 -25.50 -27.02 15.82
N GLY A 103 -25.74 -26.93 14.52
CA GLY A 103 -26.24 -25.71 13.90
C GLY A 103 -25.30 -25.27 12.79
N GLN A 104 -25.69 -24.23 12.08
CA GLN A 104 -24.90 -23.69 11.01
C GLN A 104 -23.80 -22.76 11.55
N PRO A 105 -22.54 -22.95 11.13
CA PRO A 105 -21.52 -22.05 11.65
C PRO A 105 -21.54 -20.75 10.86
N LEU A 106 -21.86 -19.67 11.55
CA LEU A 106 -21.96 -18.36 10.94
C LEU A 106 -20.72 -17.52 11.25
N ILE A 107 -19.85 -18.02 12.11
CA ILE A 107 -18.57 -17.43 12.38
C ILE A 107 -17.57 -18.49 12.00
N VAL A 108 -16.68 -18.17 11.04
CA VAL A 108 -15.64 -19.10 10.62
C VAL A 108 -14.25 -18.45 10.66
N VAL A 109 -13.33 -19.11 11.33
CA VAL A 109 -12.04 -18.59 11.53
C VAL A 109 -11.05 -19.56 10.95
N ASN A 110 -10.39 -19.16 9.86
CA ASN A 110 -9.40 -20.01 9.21
C ASN A 110 -8.04 -19.75 9.83
N ASN A 111 -7.43 -20.76 10.41
CA ASN A 111 -6.17 -20.57 11.10
C ASN A 111 -5.08 -21.53 10.55
N ALA A 112 -5.23 -22.84 10.81
CA ALA A 112 -4.35 -23.88 10.23
C ALA A 112 -2.85 -23.68 10.46
N ARG A 122 13.93 -24.66 7.15
CA ARG A 122 14.65 -23.76 6.23
C ARG A 122 14.25 -23.91 4.74
N MET A 123 13.36 -23.01 4.32
CA MET A 123 12.76 -23.02 2.99
C MET A 123 13.69 -22.70 1.85
N LYS A 124 13.25 -23.15 0.69
CA LYS A 124 14.03 -22.99 -0.51
C LYS A 124 13.43 -21.84 -1.32
N ASP A 125 14.31 -21.19 -2.08
CA ASP A 125 14.00 -19.95 -2.80
C ASP A 125 12.74 -20.00 -3.68
N ASP A 126 12.35 -21.17 -4.19
CA ASP A 126 11.24 -21.27 -5.14
C ASP A 126 9.91 -21.82 -4.60
N GLU A 127 9.76 -21.99 -3.29
CA GLU A 127 8.63 -22.73 -2.72
C GLU A 127 7.43 -21.84 -2.54
N TRP A 128 7.66 -20.52 -2.54
CA TRP A 128 6.63 -19.55 -2.19
C TRP A 128 5.36 -19.76 -2.99
N PHE A 129 5.51 -20.04 -4.28
CA PHE A 129 4.37 -20.00 -5.17
C PHE A 129 3.37 -21.12 -4.82
N ASP A 130 3.87 -22.35 -4.67
CA ASP A 130 3.04 -23.48 -4.25
C ASP A 130 2.42 -23.28 -2.86
N VAL A 131 3.17 -22.71 -1.94
CA VAL A 131 2.64 -22.40 -0.62
C VAL A 131 1.47 -21.44 -0.66
N VAL A 132 1.59 -20.34 -1.38
CA VAL A 132 0.50 -19.39 -1.43
C VAL A 132 -0.70 -20.00 -2.12
N ASN A 133 -0.43 -20.68 -3.21
CA ASN A 133 -1.44 -21.29 -4.03
C ASN A 133 -2.22 -22.27 -3.16
N THR A 134 -1.52 -23.03 -2.33
CA THR A 134 -2.17 -24.01 -1.47
C THR A 134 -2.95 -23.30 -0.34
N ASN A 135 -2.35 -22.31 0.34
CA ASN A 135 -3.08 -21.61 1.41
CA ASN A 135 -3.10 -21.65 1.42
C ASN A 135 -4.39 -21.03 0.92
N LEU A 136 -4.31 -20.32 -0.19
CA LEU A 136 -5.49 -19.62 -0.69
C LEU A 136 -6.51 -20.55 -1.26
N ASN A 137 -6.08 -21.63 -1.91
CA ASN A 137 -7.05 -22.65 -2.38
C ASN A 137 -7.80 -23.30 -1.21
N SER A 138 -7.10 -23.50 -0.11
CA SER A 138 -7.71 -23.89 1.13
C SER A 138 -8.67 -22.88 1.72
N LEU A 139 -8.29 -21.61 1.78
CA LEU A 139 -9.23 -20.61 2.24
C LEU A 139 -10.46 -20.56 1.37
N TYR A 140 -10.26 -20.58 0.08
CA TYR A 140 -11.39 -20.49 -0.83
C TYR A 140 -12.34 -21.67 -0.65
N ARG A 141 -11.77 -22.85 -0.48
CA ARG A 141 -12.54 -24.07 -0.41
C ARG A 141 -13.43 -24.04 0.84
N LEU A 142 -12.83 -23.71 1.97
CA LEU A 142 -13.60 -23.68 3.18
C LEU A 142 -14.60 -22.53 3.17
N SER A 143 -14.19 -21.38 2.68
CA SER A 143 -15.06 -20.19 2.69
C SER A 143 -16.30 -20.41 1.83
N LYS A 144 -16.10 -20.88 0.61
CA LYS A 144 -17.22 -21.19 -0.29
C LYS A 144 -18.24 -22.14 0.32
N ALA A 145 -17.76 -23.10 1.08
CA ALA A 145 -18.65 -24.11 1.64
C ALA A 145 -19.51 -23.52 2.76
N VAL A 146 -18.90 -22.73 3.64
CA VAL A 146 -19.67 -22.15 4.75
C VAL A 146 -20.59 -21.04 4.31
N LEU A 147 -20.37 -20.51 3.11
CA LEU A 147 -21.21 -19.40 2.62
C LEU A 147 -22.71 -19.70 2.37
N ARG A 148 -23.04 -20.94 2.02
CA ARG A 148 -24.47 -21.28 1.79
C ARG A 148 -25.28 -21.02 3.06
N GLY A 149 -24.76 -21.51 4.17
CA GLY A 149 -25.32 -21.24 5.50
C GLY A 149 -25.44 -19.75 5.85
N MET A 150 -24.38 -19.00 5.60
CA MET A 150 -24.40 -17.58 5.92
C MET A 150 -25.36 -16.82 5.05
N THR A 151 -25.48 -17.23 3.80
CA THR A 151 -26.38 -16.59 2.84
C THR A 151 -27.85 -16.77 3.30
N LYS A 152 -28.18 -17.99 3.68
CA LYS A 152 -29.51 -18.30 4.24
C LYS A 152 -29.81 -17.43 5.42
N ALA A 153 -28.85 -17.32 6.33
CA ALA A 153 -29.07 -16.51 7.51
C ALA A 153 -29.00 -14.99 7.24
N ARG A 154 -28.48 -14.59 6.07
CA ARG A 154 -28.12 -13.17 5.79
C ARG A 154 -27.23 -12.56 6.88
N TRP A 155 -26.26 -13.35 7.32
CA TRP A 155 -25.34 -12.90 8.33
C TRP A 155 -24.16 -13.83 8.33
N GLY A 156 -22.98 -13.27 8.55
CA GLY A 156 -21.77 -14.09 8.61
C GLY A 156 -20.50 -13.35 8.99
N ARG A 157 -19.54 -14.10 9.43
CA ARG A 157 -18.23 -13.55 9.78
C ARG A 157 -17.20 -14.56 9.33
N ILE A 158 -16.38 -14.19 8.36
CA ILE A 158 -15.24 -15.01 8.01
C ILE A 158 -13.99 -14.27 8.39
N ILE A 159 -13.09 -14.96 9.09
CA ILE A 159 -11.92 -14.34 9.62
C ILE A 159 -10.68 -15.19 9.39
N ASN A 160 -9.74 -14.63 8.65
CA ASN A 160 -8.58 -15.37 8.20
C ASN A 160 -7.40 -14.92 9.00
N ILE A 161 -6.70 -15.88 9.59
CA ILE A 161 -5.52 -15.59 10.39
C ILE A 161 -4.28 -15.84 9.54
N GLY A 162 -3.44 -14.82 9.43
CA GLY A 162 -2.20 -14.94 8.71
C GLY A 162 -1.14 -15.62 9.54
N SER A 163 0.01 -15.85 8.94
CA SER A 163 1.06 -16.60 9.61
C SER A 163 1.90 -15.68 10.49
N VAL A 164 2.54 -16.29 11.47
CA VAL A 164 3.31 -15.61 12.47
C VAL A 164 4.66 -15.28 11.89
N VAL A 165 5.20 -14.14 12.27
CA VAL A 165 6.54 -13.74 11.87
C VAL A 165 7.53 -14.68 12.54
N GLY A 166 8.58 -15.02 11.79
CA GLY A 166 9.72 -15.77 12.36
C GLY A 166 10.60 -16.47 11.34
N ALA A 167 10.05 -16.72 10.14
CA ALA A 167 10.70 -17.51 9.10
C ALA A 167 12.19 -17.18 8.84
N MET A 168 12.98 -18.26 8.75
CA MET A 168 14.42 -18.17 8.66
C MET A 168 14.93 -17.82 7.25
N GLY A 169 15.79 -16.81 7.17
CA GLY A 169 16.47 -16.49 5.90
C GLY A 169 15.62 -15.80 4.85
N ASN A 170 16.22 -15.59 3.67
CA ASN A 170 15.57 -14.84 2.59
C ASN A 170 14.40 -15.56 1.94
N ALA A 171 14.52 -16.87 1.74
CA ALA A 171 13.42 -17.66 1.15
C ALA A 171 12.16 -17.62 2.03
N GLY A 172 12.38 -17.68 3.35
CA GLY A 172 11.29 -17.58 4.32
C GLY A 172 10.64 -16.22 4.30
N GLN A 173 11.42 -15.17 4.14
CA GLN A 173 10.88 -13.81 4.04
C GLN A 173 10.04 -13.64 2.76
N THR A 174 10.51 -14.26 1.66
CA THR A 174 9.77 -14.23 0.41
C THR A 174 8.45 -14.92 0.57
N ASN A 175 8.48 -16.05 1.25
CA ASN A 175 7.27 -16.79 1.46
C ASN A 175 6.28 -16.07 2.36
N TYR A 176 6.74 -15.58 3.50
CA TYR A 176 5.94 -14.81 4.42
C TYR A 176 5.32 -13.58 3.73
N ALA A 177 6.14 -12.82 3.01
CA ALA A 177 5.62 -11.64 2.33
C ALA A 177 4.61 -11.98 1.26
N ALA A 178 4.85 -13.06 0.53
CA ALA A 178 3.90 -13.47 -0.53
C ALA A 178 2.58 -13.92 0.06
N ALA A 179 2.64 -14.72 1.09
CA ALA A 179 1.42 -15.23 1.74
C ALA A 179 0.65 -14.06 2.32
N LYS A 180 1.35 -13.08 2.90
CA LYS A 180 0.69 -11.94 3.49
C LYS A 180 -0.01 -11.07 2.45
N ALA A 181 0.67 -10.83 1.35
CA ALA A 181 0.05 -10.06 0.26
C ALA A 181 -1.18 -10.81 -0.28
N GLY A 182 -1.04 -12.10 -0.45
CA GLY A 182 -2.10 -12.90 -1.01
C GLY A 182 -3.28 -12.97 -0.06
N LEU A 183 -3.01 -13.10 1.23
CA LEU A 183 -4.07 -13.09 2.21
C LEU A 183 -4.87 -11.78 2.16
N GLU A 184 -4.17 -10.66 2.11
CA GLU A 184 -4.86 -9.37 2.10
C GLU A 184 -5.73 -9.16 0.88
N GLY A 185 -5.22 -9.51 -0.28
CA GLY A 185 -5.92 -9.32 -1.53
C GLY A 185 -7.09 -10.27 -1.61
N PHE A 186 -6.84 -11.51 -1.19
CA PHE A 186 -7.91 -12.50 -1.15
C PHE A 186 -9.05 -12.03 -0.26
N THR A 187 -8.72 -11.57 0.93
CA THR A 187 -9.72 -11.16 1.89
C THR A 187 -10.53 -9.98 1.33
N ARG A 188 -9.85 -9.04 0.69
CA ARG A 188 -10.53 -7.91 0.08
C ARG A 188 -11.50 -8.32 -0.96
N ALA A 189 -11.08 -9.28 -1.80
CA ALA A 189 -11.86 -9.63 -2.92
C ALA A 189 -13.11 -10.38 -2.44
N LEU A 190 -12.94 -11.35 -1.55
CA LEU A 190 -14.06 -12.14 -1.10
C LEU A 190 -15.06 -11.25 -0.38
N ALA A 191 -14.56 -10.28 0.37
CA ALA A 191 -15.41 -9.31 1.04
C ALA A 191 -16.31 -8.56 0.05
N ARG A 192 -15.78 -8.18 -1.12
CA ARG A 192 -16.61 -7.54 -2.17
C ARG A 192 -17.69 -8.50 -2.67
N GLU A 193 -17.32 -9.75 -2.87
CA GLU A 193 -18.25 -10.74 -3.39
C GLU A 193 -19.43 -11.02 -2.49
N VAL A 194 -19.26 -10.96 -1.18
CA VAL A 194 -20.29 -11.45 -0.28
C VAL A 194 -20.94 -10.39 0.58
N GLY A 195 -20.54 -9.16 0.40
CA GLY A 195 -21.06 -8.07 1.17
C GLY A 195 -22.57 -7.92 1.14
N SER A 196 -23.22 -8.07 -0.01
CA SER A 196 -24.67 -7.76 -0.08
C SER A 196 -25.48 -8.66 0.84
N ARG A 197 -24.88 -9.79 1.23
CA ARG A 197 -25.51 -10.72 2.15
C ARG A 197 -25.15 -10.47 3.61
N ALA A 198 -24.65 -9.29 3.94
CA ALA A 198 -24.23 -8.93 5.32
C ALA A 198 -23.27 -9.94 5.98
N ILE A 199 -22.38 -10.48 5.18
CA ILE A 199 -21.30 -11.30 5.63
C ILE A 199 -20.04 -10.45 5.53
N THR A 200 -19.26 -10.40 6.60
CA THR A 200 -18.01 -9.67 6.55
C THR A 200 -16.89 -10.67 6.40
N VAL A 201 -15.82 -10.23 5.72
CA VAL A 201 -14.62 -11.03 5.57
C VAL A 201 -13.40 -10.15 5.92
N ASN A 202 -12.67 -10.57 6.96
CA ASN A 202 -11.54 -9.84 7.45
C ASN A 202 -10.42 -10.75 7.75
N ALA A 203 -9.25 -10.19 7.95
CA ALA A 203 -8.07 -10.98 8.28
C ALA A 203 -7.32 -10.35 9.39
N VAL A 204 -6.49 -11.14 10.06
CA VAL A 204 -5.67 -10.68 11.18
C VAL A 204 -4.25 -11.07 10.85
N ALA A 205 -3.34 -10.12 10.83
CA ALA A 205 -1.95 -10.41 10.44
C ALA A 205 -1.07 -10.31 11.65
N PRO A 206 -0.74 -11.43 12.28
CA PRO A 206 0.04 -11.33 13.50
C PRO A 206 1.48 -11.01 13.18
N GLY A 207 2.18 -10.57 14.21
CA GLY A 207 3.60 -10.34 14.13
C GLY A 207 4.30 -11.43 14.90
N PHE A 208 5.14 -11.05 15.84
CA PHE A 208 5.97 -12.03 16.55
C PHE A 208 5.24 -12.48 17.79
N ILE A 209 4.53 -13.61 17.68
CA ILE A 209 3.67 -14.07 18.76
C ILE A 209 4.33 -15.27 19.44
N ASP A 210 4.13 -15.40 20.75
CA ASP A 210 4.69 -16.50 21.54
C ASP A 210 3.97 -17.82 21.29
N THR A 211 4.57 -18.63 20.43
CA THR A 211 4.04 -19.93 20.07
C THR A 211 5.14 -20.97 20.15
N ASP A 212 4.74 -22.23 20.17
CA ASP A 212 5.69 -23.32 20.13
C ASP A 212 6.71 -23.14 19.02
N MET A 213 6.22 -22.74 17.83
CA MET A 213 7.08 -22.53 16.66
C MET A 213 8.11 -21.40 16.88
N THR A 214 7.69 -20.29 17.49
CA THR A 214 8.60 -19.16 17.69
C THR A 214 9.56 -19.43 18.87
N ARG A 215 9.15 -20.29 19.80
CA ARG A 215 10.01 -20.67 20.92
C ARG A 215 11.21 -21.47 20.47
N GLU A 216 11.08 -22.18 19.35
CA GLU A 216 12.14 -23.01 18.82
C GLU A 216 13.09 -22.27 17.88
N LEU A 217 12.80 -20.99 17.59
CA LEU A 217 13.73 -20.16 16.84
C LEU A 217 15.00 -20.06 17.64
N PRO A 218 16.13 -20.03 16.95
CA PRO A 218 17.37 -19.87 17.70
C PRO A 218 17.44 -18.48 18.31
N GLU A 219 18.13 -18.36 19.44
CA GLU A 219 18.15 -17.14 20.23
C GLU A 219 18.57 -15.85 19.45
N ALA A 220 19.48 -15.98 18.50
CA ALA A 220 19.93 -14.80 17.75
C ALA A 220 18.80 -14.18 16.98
N GLN A 221 17.99 -15.03 16.34
CA GLN A 221 16.87 -14.57 15.54
C GLN A 221 15.71 -14.04 16.39
N ARG A 222 15.47 -14.63 17.54
CA ARG A 222 14.51 -14.09 18.48
C ARG A 222 14.89 -12.70 18.93
N GLU A 223 16.17 -12.55 19.26
CA GLU A 223 16.65 -11.29 19.80
C GLU A 223 16.57 -10.20 18.75
N ALA A 224 16.85 -10.57 17.51
CA ALA A 224 16.82 -9.62 16.42
C ALA A 224 15.39 -9.18 16.12
N LEU A 225 14.44 -10.11 16.23
CA LEU A 225 13.05 -9.78 15.98
C LEU A 225 12.51 -8.87 17.08
N LEU A 226 12.79 -9.22 18.32
CA LEU A 226 12.34 -8.43 19.46
C LEU A 226 12.86 -6.98 19.37
N GLY A 227 14.09 -6.85 18.90
CA GLY A 227 14.72 -5.53 18.80
C GLY A 227 14.02 -4.66 17.79
N GLN A 228 13.28 -5.29 16.86
CA GLN A 228 12.52 -4.55 15.85
CA GLN A 228 12.53 -4.56 15.84
C GLN A 228 11.06 -4.29 16.25
N ILE A 229 10.70 -4.64 17.49
CA ILE A 229 9.29 -4.44 17.93
C ILE A 229 9.18 -3.29 18.93
N PRO A 230 8.55 -2.18 18.53
CA PRO A 230 8.43 -1.02 19.43
C PRO A 230 7.87 -1.34 20.82
N LEU A 231 6.88 -2.23 20.93
CA LEU A 231 6.35 -2.56 22.25
C LEU A 231 7.37 -3.34 23.09
N GLY A 232 8.37 -3.91 22.44
CA GLY A 232 9.46 -4.53 23.18
C GLY A 232 9.13 -5.90 23.77
N ARG A 233 8.11 -6.56 23.23
CA ARG A 233 7.76 -7.88 23.67
C ARG A 233 7.01 -8.65 22.57
N LEU A 234 7.02 -9.96 22.72
CA LEU A 234 6.26 -10.84 21.90
C LEU A 234 4.80 -10.68 22.26
N GLY A 235 3.95 -10.98 21.31
CA GLY A 235 2.54 -10.93 21.51
C GLY A 235 2.08 -12.26 22.05
N GLN A 236 0.97 -12.25 22.76
CA GLN A 236 0.38 -13.44 23.32
C GLN A 236 -0.72 -13.92 22.39
N ALA A 237 -0.88 -15.22 22.31
CA ALA A 237 -1.98 -15.81 21.54
C ALA A 237 -3.34 -15.17 21.87
N GLU A 238 -3.57 -14.86 23.14
CA GLU A 238 -4.83 -14.27 23.60
C GLU A 238 -5.06 -12.90 22.95
N GLU A 239 -3.95 -12.18 22.70
CA GLU A 239 -4.00 -10.87 22.10
C GLU A 239 -4.49 -10.93 20.65
N ILE A 240 -4.17 -12.02 19.93
CA ILE A 240 -4.73 -12.24 18.59
C ILE A 240 -6.22 -12.58 18.75
N ALA A 241 -6.53 -13.44 19.71
CA ALA A 241 -7.87 -13.94 19.91
C ALA A 241 -8.84 -12.83 20.24
N LYS A 242 -8.41 -11.83 21.01
CA LYS A 242 -9.29 -10.73 21.36
C LYS A 242 -9.69 -9.88 20.16
N VAL A 243 -8.81 -9.78 19.18
CA VAL A 243 -9.09 -9.01 17.98
C VAL A 243 -10.12 -9.77 17.16
N VAL A 244 -9.91 -11.06 17.10
CA VAL A 244 -10.80 -11.93 16.38
C VAL A 244 -12.20 -11.88 17.01
N GLY A 245 -12.25 -11.96 18.32
CA GLY A 245 -13.51 -11.84 19.06
C GLY A 245 -14.26 -10.57 18.72
N PHE A 246 -13.53 -9.46 18.66
CA PHE A 246 -14.18 -8.22 18.28
C PHE A 246 -14.72 -8.25 16.86
N LEU A 247 -13.90 -8.68 15.90
CA LEU A 247 -14.33 -8.80 14.52
C LEU A 247 -15.58 -9.65 14.37
N ALA A 248 -15.71 -10.65 15.23
CA ALA A 248 -16.84 -11.54 15.16
C ALA A 248 -18.12 -10.91 15.69
N SER A 249 -17.97 -9.85 16.49
CA SER A 249 -19.09 -9.19 17.12
C SER A 249 -19.93 -8.31 16.20
N ASP A 250 -21.13 -7.96 16.66
CA ASP A 250 -22.06 -7.16 15.90
CA ASP A 250 -22.03 -7.15 15.88
C ASP A 250 -21.48 -5.74 15.75
N GLY A 251 -20.64 -5.34 16.68
CA GLY A 251 -20.00 -4.02 16.65
C GLY A 251 -18.97 -3.82 15.55
N ALA A 252 -18.48 -4.90 14.99
CA ALA A 252 -17.56 -4.85 13.82
C ALA A 252 -18.30 -5.01 12.48
N ALA A 253 -19.60 -4.71 12.45
CA ALA A 253 -20.39 -5.04 11.28
C ALA A 253 -20.03 -4.24 10.06
N TYR A 254 -19.44 -3.05 10.24
CA TYR A 254 -19.10 -2.22 9.07
C TYR A 254 -17.62 -2.35 8.75
N VAL A 255 -16.96 -3.25 9.44
CA VAL A 255 -15.60 -3.64 9.07
C VAL A 255 -15.61 -4.85 8.16
N THR A 256 -15.25 -4.66 6.87
CA THR A 256 -15.00 -5.77 6.00
C THR A 256 -13.90 -5.49 4.95
N GLY A 257 -13.30 -6.56 4.46
CA GLY A 257 -12.21 -6.48 3.54
C GLY A 257 -10.89 -6.09 4.22
N ALA A 258 -10.89 -5.98 5.55
CA ALA A 258 -9.76 -5.44 6.25
C ALA A 258 -8.82 -6.49 6.73
N THR A 259 -7.55 -6.15 6.71
CA THR A 259 -6.56 -6.95 7.34
C THR A 259 -6.02 -6.18 8.54
N VAL A 260 -6.28 -6.63 9.75
CA VAL A 260 -5.86 -5.92 10.96
C VAL A 260 -4.54 -6.46 11.45
N PRO A 261 -3.53 -5.61 11.51
CA PRO A 261 -2.22 -6.11 11.96
C PRO A 261 -2.08 -6.07 13.47
N VAL A 262 -1.57 -7.14 14.03
CA VAL A 262 -1.43 -7.25 15.46
C VAL A 262 0.02 -7.66 15.72
N ASN A 263 0.88 -6.67 15.72
CA ASN A 263 2.31 -6.94 15.66
C ASN A 263 3.15 -6.04 16.52
N GLY A 264 2.55 -5.38 17.49
CA GLY A 264 3.30 -4.52 18.39
C GLY A 264 4.04 -3.37 17.73
N GLY A 265 3.67 -3.03 16.50
CA GLY A 265 4.30 -1.91 15.77
C GLY A 265 5.39 -2.27 14.80
N MET A 266 5.69 -3.55 14.67
CA MET A 266 6.70 -4.04 13.74
C MET A 266 6.01 -4.33 12.44
N TYR A 267 6.23 -3.46 11.46
CA TYR A 267 5.72 -3.67 10.07
C TYR A 267 6.86 -3.90 9.05
N MET A 268 6.54 -4.48 7.89
CA MET A 268 7.59 -4.89 6.93
C MET A 268 7.25 -4.57 5.46
N LEU B 18 26.53 8.77 -25.86
CA LEU B 18 26.51 8.18 -24.48
C LEU B 18 25.08 7.96 -23.93
N TYR B 19 24.19 8.94 -24.14
CA TYR B 19 22.83 8.92 -23.51
C TYR B 19 22.03 7.66 -23.83
N PHE B 20 22.22 7.15 -25.07
CA PHE B 20 21.51 5.97 -25.60
C PHE B 20 22.20 4.61 -25.38
N GLN B 21 23.47 4.57 -24.98
CA GLN B 21 24.07 3.28 -24.61
C GLN B 21 23.25 2.61 -23.51
N SER B 22 22.65 3.41 -22.64
CA SER B 22 21.82 2.90 -21.55
C SER B 22 20.41 2.48 -22.04
N MET B 23 19.96 3.06 -23.16
CA MET B 23 18.63 2.81 -23.70
C MET B 23 18.62 1.69 -24.71
N SER B 24 19.73 1.43 -25.39
CA SER B 24 19.69 0.47 -26.53
C SER B 24 19.45 -0.98 -26.14
N LEU B 25 18.71 -1.70 -26.98
CA LEU B 25 18.57 -3.12 -26.78
C LEU B 25 19.21 -3.90 -27.93
N GLN B 26 20.13 -3.25 -28.62
CA GLN B 26 20.96 -3.87 -29.66
C GLN B 26 21.55 -5.19 -29.18
N GLY B 27 21.28 -6.26 -29.91
CA GLY B 27 21.83 -7.57 -29.57
C GLY B 27 21.11 -8.31 -28.46
N LYS B 28 19.98 -7.80 -28.01
CA LYS B 28 19.12 -8.56 -27.08
C LYS B 28 18.01 -9.16 -27.91
N VAL B 29 17.52 -10.31 -27.47
CA VAL B 29 16.31 -10.89 -28.00
C VAL B 29 15.16 -10.82 -27.00
N ALA B 30 13.98 -10.45 -27.47
CA ALA B 30 12.84 -10.18 -26.65
C ALA B 30 11.65 -10.99 -27.12
N LEU B 31 10.97 -11.56 -26.14
CA LEU B 31 9.78 -12.31 -26.40
C LEU B 31 8.64 -11.51 -25.78
N VAL B 32 7.59 -11.30 -26.56
CA VAL B 32 6.50 -10.49 -26.15
C VAL B 32 5.22 -11.23 -26.44
N THR B 33 4.50 -11.63 -25.41
CA THR B 33 3.30 -12.41 -25.64
C THR B 33 2.15 -11.51 -25.91
N GLY B 34 1.12 -12.05 -26.54
CA GLY B 34 -0.07 -11.31 -26.91
C GLY B 34 0.18 -10.05 -27.71
N ALA B 35 1.03 -10.16 -28.74
CA ALA B 35 1.59 -9.00 -29.41
C ALA B 35 0.85 -8.61 -30.65
N SER B 36 -0.31 -9.19 -30.88
CA SER B 36 -0.99 -8.99 -32.17
C SER B 36 -1.72 -7.68 -32.30
N ARG B 37 -1.96 -7.00 -31.18
CA ARG B 37 -2.65 -5.70 -31.18
C ARG B 37 -2.43 -4.93 -29.89
N GLY B 38 -2.89 -3.69 -29.90
CA GLY B 38 -2.87 -2.78 -28.77
C GLY B 38 -1.56 -2.73 -28.06
N ILE B 39 -1.64 -2.85 -26.76
CA ILE B 39 -0.51 -2.73 -25.85
C ILE B 39 0.63 -3.64 -26.23
N GLY B 40 0.34 -4.93 -26.37
CA GLY B 40 1.34 -5.89 -26.78
C GLY B 40 2.04 -5.58 -28.10
N GLN B 41 1.25 -5.17 -29.09
CA GLN B 41 1.82 -4.70 -30.34
C GLN B 41 2.72 -3.49 -30.12
N ALA B 42 2.21 -2.49 -29.40
CA ALA B 42 3.01 -1.29 -29.16
C ALA B 42 4.35 -1.58 -28.49
N ILE B 43 4.35 -2.55 -27.60
CA ILE B 43 5.56 -2.99 -26.94
C ILE B 43 6.51 -3.76 -27.88
N ALA B 44 5.97 -4.67 -28.69
CA ALA B 44 6.79 -5.32 -29.69
C ALA B 44 7.54 -4.28 -30.54
N LEU B 45 6.81 -3.31 -31.09
CA LEU B 45 7.40 -2.29 -31.91
C LEU B 45 8.42 -1.41 -31.15
N GLU B 46 8.16 -1.10 -29.89
CA GLU B 46 9.05 -0.21 -29.16
C GLU B 46 10.37 -0.92 -28.87
N LEU B 47 10.30 -2.19 -28.48
CA LEU B 47 11.50 -2.93 -28.22
C LEU B 47 12.26 -3.12 -29.55
N GLY B 48 11.54 -3.45 -30.61
CA GLY B 48 12.14 -3.44 -31.96
C GLY B 48 12.91 -2.15 -32.23
N ARG B 49 12.23 -1.03 -32.10
CA ARG B 49 12.83 0.23 -32.44
C ARG B 49 14.00 0.57 -31.55
N LEU B 50 14.04 0.04 -30.35
CA LEU B 50 15.18 0.23 -29.47
C LEU B 50 16.32 -0.69 -29.85
N GLY B 51 16.11 -1.51 -30.86
CA GLY B 51 17.19 -2.30 -31.40
C GLY B 51 17.12 -3.78 -31.16
N ALA B 52 16.16 -4.23 -30.37
CA ALA B 52 16.06 -5.67 -30.11
C ALA B 52 15.51 -6.49 -31.27
N VAL B 53 15.91 -7.75 -31.29
CA VAL B 53 15.23 -8.75 -32.10
C VAL B 53 14.00 -9.16 -31.33
N VAL B 54 12.86 -9.22 -31.99
CA VAL B 54 11.60 -9.37 -31.29
C VAL B 54 10.77 -10.53 -31.80
N ILE B 55 10.41 -11.44 -30.90
CA ILE B 55 9.43 -12.48 -31.20
C ILE B 55 8.12 -12.15 -30.52
N GLY B 56 7.10 -11.86 -31.31
CA GLY B 56 5.76 -11.59 -30.77
C GLY B 56 4.96 -12.85 -30.91
N THR B 57 3.96 -13.06 -30.04
CA THR B 57 3.20 -14.28 -30.07
C THR B 57 1.70 -14.05 -29.94
N ALA B 58 0.94 -15.04 -30.39
CA ALA B 58 -0.51 -15.00 -30.30
C ALA B 58 -1.05 -16.41 -30.07
N THR B 59 -2.32 -16.51 -29.73
CA THR B 59 -2.93 -17.83 -29.51
C THR B 59 -3.30 -18.52 -30.85
N SER B 60 -3.54 -17.70 -31.87
CA SER B 60 -3.97 -18.18 -33.18
C SER B 60 -2.87 -18.00 -34.23
N ALA B 61 -2.91 -18.85 -35.24
CA ALA B 61 -2.02 -18.74 -36.40
C ALA B 61 -2.23 -17.43 -37.17
N SER B 62 -3.46 -16.91 -37.21
CA SER B 62 -3.71 -15.66 -37.93
C SER B 62 -3.08 -14.45 -37.22
N GLY B 63 -3.23 -14.39 -35.90
CA GLY B 63 -2.52 -13.42 -35.08
C GLY B 63 -1.01 -13.49 -35.27
N ALA B 64 -0.45 -14.69 -35.29
CA ALA B 64 1.00 -14.87 -35.48
C ALA B 64 1.46 -14.37 -36.86
N GLU B 65 0.61 -14.54 -37.86
CA GLU B 65 0.85 -13.97 -39.18
C GLU B 65 0.83 -12.45 -39.08
N LYS B 66 -0.21 -11.91 -38.46
CA LYS B 66 -0.35 -10.45 -38.31
C LYS B 66 0.87 -9.79 -37.63
N ILE B 67 1.36 -10.45 -36.60
CA ILE B 67 2.55 -10.00 -35.93
C ILE B 67 3.72 -9.96 -36.89
N ALA B 68 4.02 -11.08 -37.53
CA ALA B 68 5.18 -11.17 -38.43
C ALA B 68 5.11 -10.11 -39.54
N GLU B 69 3.91 -9.91 -40.07
CA GLU B 69 3.67 -8.84 -41.07
C GLU B 69 4.00 -7.47 -40.49
N THR B 70 3.52 -7.24 -39.26
CA THR B 70 3.69 -5.97 -38.61
C THR B 70 5.17 -5.65 -38.35
N LEU B 71 5.91 -6.67 -37.93
CA LEU B 71 7.30 -6.50 -37.63
C LEU B 71 8.09 -6.15 -38.90
N LYS B 72 7.87 -6.92 -39.96
CA LYS B 72 8.54 -6.65 -41.23
C LYS B 72 8.26 -5.22 -41.68
N ALA B 73 6.99 -4.86 -41.75
CA ALA B 73 6.58 -3.50 -42.11
C ALA B 73 7.25 -2.38 -41.29
N ASN B 74 7.66 -2.65 -40.04
CA ASN B 74 8.34 -1.60 -39.24
C ASN B 74 9.85 -1.73 -39.17
N GLY B 75 10.42 -2.64 -39.96
CA GLY B 75 11.86 -2.75 -40.05
C GLY B 75 12.47 -3.43 -38.85
N VAL B 76 11.76 -4.40 -38.29
CA VAL B 76 12.20 -5.10 -37.07
C VAL B 76 12.51 -6.57 -37.36
N GLU B 77 13.75 -6.99 -37.10
CA GLU B 77 14.09 -8.38 -37.29
C GLU B 77 13.40 -9.20 -36.18
N GLY B 78 12.72 -10.29 -36.54
CA GLY B 78 12.20 -11.21 -35.57
C GLY B 78 11.19 -12.16 -36.17
N ALA B 79 10.10 -12.41 -35.45
CA ALA B 79 9.12 -13.41 -35.88
C ALA B 79 7.80 -13.31 -35.12
N GLY B 80 6.75 -13.85 -35.74
CA GLY B 80 5.46 -14.06 -35.11
C GLY B 80 5.22 -15.54 -34.92
N LEU B 81 4.98 -15.98 -33.68
CA LEU B 81 4.76 -17.40 -33.38
C LEU B 81 3.45 -17.63 -32.65
N VAL B 82 3.05 -18.89 -32.55
CA VAL B 82 1.82 -19.23 -31.87
C VAL B 82 2.25 -19.75 -30.53
N LEU B 83 1.63 -19.25 -29.46
CA LEU B 83 1.99 -19.62 -28.10
C LEU B 83 0.80 -19.62 -27.18
N ASP B 84 0.63 -20.71 -26.45
CA ASP B 84 -0.43 -20.81 -25.45
C ASP B 84 0.23 -21.00 -24.08
N VAL B 85 0.28 -19.90 -23.33
CA VAL B 85 0.98 -19.86 -22.06
C VAL B 85 0.37 -20.79 -21.01
N SER B 86 -0.86 -21.24 -21.24
CA SER B 86 -1.47 -22.22 -20.34
C SER B 86 -0.93 -23.63 -20.56
N SER B 87 -0.18 -23.85 -21.63
CA SER B 87 0.31 -25.19 -21.97
C SER B 87 1.83 -25.35 -21.79
N ASP B 88 2.24 -26.23 -20.88
CA ASP B 88 3.67 -26.55 -20.70
C ASP B 88 4.34 -26.94 -22.04
N GLU B 89 3.57 -27.63 -22.89
CA GLU B 89 4.04 -28.13 -24.18
C GLU B 89 4.30 -26.98 -25.16
N SER B 90 3.28 -26.14 -25.35
CA SER B 90 3.42 -24.95 -26.21
C SER B 90 4.56 -24.03 -25.79
N VAL B 91 4.74 -23.88 -24.48
CA VAL B 91 5.81 -23.04 -23.95
C VAL B 91 7.16 -23.67 -24.28
N ALA B 92 7.38 -24.92 -23.87
CA ALA B 92 8.66 -25.61 -24.12
C ALA B 92 9.01 -25.60 -25.62
N ALA B 93 8.00 -25.88 -26.44
CA ALA B 93 8.13 -25.92 -27.90
C ALA B 93 8.55 -24.56 -28.48
N THR B 94 7.82 -23.51 -28.13
CA THR B 94 8.06 -22.18 -28.68
C THR B 94 9.46 -21.68 -28.29
N LEU B 95 9.88 -21.94 -27.07
CA LEU B 95 11.22 -21.56 -26.61
CA LEU B 95 11.22 -21.56 -26.61
C LEU B 95 12.31 -22.30 -27.38
N GLU B 96 12.12 -23.60 -27.54
CA GLU B 96 13.05 -24.42 -28.32
C GLU B 96 13.25 -23.80 -29.68
N HIS B 97 12.14 -23.52 -30.35
CA HIS B 97 12.20 -22.90 -31.68
C HIS B 97 12.98 -21.59 -31.66
N ILE B 98 12.74 -20.74 -30.66
CA ILE B 98 13.39 -19.45 -30.62
C ILE B 98 14.89 -19.59 -30.43
N GLN B 99 15.31 -20.46 -29.52
CA GLN B 99 16.75 -20.68 -29.24
C GLN B 99 17.49 -21.16 -30.50
N GLN B 100 16.86 -22.08 -31.22
CA GLN B 100 17.46 -22.65 -32.43
C GLN B 100 17.58 -21.64 -33.55
N HIS B 101 16.53 -20.86 -33.80
CA HIS B 101 16.52 -19.93 -34.94
C HIS B 101 17.00 -18.51 -34.66
N LEU B 102 16.87 -18.01 -33.43
CA LEU B 102 17.05 -16.55 -33.18
C LEU B 102 17.98 -16.14 -32.04
N GLY B 103 18.12 -17.00 -31.04
CA GLY B 103 18.89 -16.67 -29.83
C GLY B 103 18.01 -16.83 -28.58
N GLN B 104 18.63 -16.69 -27.41
CA GLN B 104 17.89 -16.84 -26.14
C GLN B 104 17.19 -15.52 -25.82
N PRO B 105 15.89 -15.58 -25.47
CA PRO B 105 15.21 -14.31 -25.14
C PRO B 105 15.53 -13.91 -23.72
N LEU B 106 16.20 -12.78 -23.57
CA LEU B 106 16.61 -12.29 -22.27
C LEU B 106 15.71 -11.17 -21.77
N ILE B 107 14.80 -10.74 -22.63
CA ILE B 107 13.77 -9.80 -22.28
C ILE B 107 12.46 -10.52 -22.56
N VAL B 108 11.63 -10.66 -21.53
CA VAL B 108 10.34 -11.30 -21.68
C VAL B 108 9.18 -10.49 -21.08
N VAL B 109 8.15 -10.26 -21.88
CA VAL B 109 7.12 -9.36 -21.55
C VAL B 109 5.85 -10.12 -21.65
N ASN B 110 5.22 -10.33 -20.51
CA ASN B 110 3.98 -11.09 -20.46
C ASN B 110 2.81 -10.12 -20.57
N ASN B 111 1.99 -10.29 -21.60
CA ASN B 111 0.92 -9.36 -21.82
C ASN B 111 -0.44 -10.08 -21.91
N ALA B 112 -0.64 -10.90 -22.92
CA ALA B 112 -1.84 -11.77 -23.01
C ALA B 112 -3.15 -11.02 -22.79
N MET B 123 -17.12 -9.59 -15.00
CA MET B 123 -17.57 -10.88 -15.49
C MET B 123 -18.77 -11.32 -14.63
N LYS B 124 -18.64 -12.42 -13.91
CA LYS B 124 -19.60 -12.84 -12.90
C LYS B 124 -19.01 -12.62 -11.51
N ASP B 125 -19.89 -12.51 -10.54
CA ASP B 125 -19.59 -12.26 -9.11
C ASP B 125 -18.39 -13.05 -8.50
N ASP B 126 -18.32 -14.32 -8.87
CA ASP B 126 -17.43 -15.27 -8.21
C ASP B 126 -16.24 -15.72 -9.05
N GLU B 127 -15.97 -15.05 -10.17
CA GLU B 127 -14.98 -15.54 -11.13
C GLU B 127 -13.57 -15.09 -10.82
N TRP B 128 -13.44 -14.09 -9.94
CA TRP B 128 -12.13 -13.48 -9.65
C TRP B 128 -11.03 -14.42 -9.23
N PHE B 129 -11.38 -15.40 -8.40
CA PHE B 129 -10.36 -16.31 -7.85
C PHE B 129 -9.72 -17.18 -8.97
N ASP B 130 -10.54 -17.79 -9.83
CA ASP B 130 -10.03 -18.55 -10.99
C ASP B 130 -9.22 -17.69 -11.99
N VAL B 131 -9.66 -16.47 -12.20
CA VAL B 131 -8.96 -15.59 -13.11
C VAL B 131 -7.56 -15.26 -12.61
N VAL B 132 -7.44 -14.93 -11.35
CA VAL B 132 -6.13 -14.61 -10.85
C VAL B 132 -5.24 -15.85 -10.86
N ASN B 133 -5.82 -16.96 -10.42
CA ASN B 133 -5.12 -18.24 -10.37
C ASN B 133 -4.59 -18.61 -11.76
N THR B 134 -5.39 -18.42 -12.78
CA THR B 134 -4.98 -18.70 -14.14
C THR B 134 -3.89 -17.70 -14.63
N ASN B 135 -4.08 -16.40 -14.43
CA ASN B 135 -3.09 -15.44 -14.87
C ASN B 135 -1.74 -15.74 -14.26
N LEU B 136 -1.71 -15.97 -12.95
CA LEU B 136 -0.45 -16.12 -12.26
C LEU B 136 0.19 -17.45 -12.56
N ASN B 137 -0.59 -18.49 -12.76
CA ASN B 137 -0.02 -19.77 -13.17
C ASN B 137 0.63 -19.68 -14.55
N SER B 138 -0.02 -18.93 -15.44
CA SER B 138 0.58 -18.60 -16.73
C SER B 138 1.85 -17.76 -16.66
N LEU B 139 1.87 -16.74 -15.81
CA LEU B 139 3.07 -16.00 -15.63
C LEU B 139 4.16 -16.87 -15.10
N TYR B 140 3.85 -17.66 -14.09
CA TYR B 140 4.86 -18.49 -13.49
C TYR B 140 5.46 -19.48 -14.49
N ARG B 141 4.60 -20.06 -15.30
CA ARG B 141 5.02 -21.08 -16.23
C ARG B 141 5.99 -20.51 -17.24
N LEU B 142 5.61 -19.37 -17.82
CA LEU B 142 6.46 -18.80 -18.84
C LEU B 142 7.75 -18.27 -18.22
N SER B 143 7.64 -17.66 -17.07
CA SER B 143 8.80 -17.04 -16.42
C SER B 143 9.83 -18.09 -16.06
N LYS B 144 9.40 -19.16 -15.41
CA LYS B 144 10.28 -20.28 -15.09
C LYS B 144 11.05 -20.84 -16.29
N ALA B 145 10.38 -20.93 -17.43
CA ALA B 145 11.01 -21.50 -18.61
C ALA B 145 12.10 -20.60 -19.17
N VAL B 146 11.85 -19.29 -19.21
CA VAL B 146 12.84 -18.39 -19.76
C VAL B 146 14.00 -18.14 -18.81
N LEU B 147 13.84 -18.53 -17.55
CA LEU B 147 14.89 -18.27 -16.54
C LEU B 147 16.22 -19.04 -16.70
N ARG B 148 16.18 -20.21 -17.31
CA ARG B 148 17.44 -20.93 -17.59
C ARG B 148 18.35 -20.05 -18.41
N GLY B 149 17.80 -19.59 -19.54
CA GLY B 149 18.53 -18.72 -20.45
C GLY B 149 19.11 -17.51 -19.77
N MET B 150 18.30 -16.87 -18.94
CA MET B 150 18.75 -15.67 -18.25
C MET B 150 19.83 -15.95 -17.23
N THR B 151 19.71 -17.08 -16.55
CA THR B 151 20.66 -17.48 -15.54
C THR B 151 22.03 -17.69 -16.17
N LYS B 152 22.04 -18.42 -17.29
CA LYS B 152 23.27 -18.63 -18.09
C LYS B 152 23.90 -17.32 -18.46
N ALA B 153 23.10 -16.39 -18.96
CA ALA B 153 23.63 -15.10 -19.38
C ALA B 153 23.97 -14.18 -18.21
N ARG B 154 23.50 -14.50 -17.00
CA ARG B 154 23.58 -13.60 -15.83
C ARG B 154 22.97 -12.24 -16.13
N TRP B 155 21.84 -12.25 -16.83
CA TRP B 155 21.17 -11.02 -17.18
C TRP B 155 19.80 -11.34 -17.67
N GLY B 156 18.85 -10.52 -17.30
CA GLY B 156 17.46 -10.77 -17.71
C GLY B 156 16.51 -9.64 -17.36
N ARG B 157 15.41 -9.59 -18.07
CA ARG B 157 14.36 -8.67 -17.78
C ARG B 157 13.08 -9.38 -17.96
N ILE B 158 12.33 -9.52 -16.88
CA ILE B 158 10.96 -9.99 -17.02
C ILE B 158 9.99 -8.86 -16.69
N ILE B 159 8.97 -8.70 -17.52
CA ILE B 159 8.04 -7.58 -17.35
C ILE B 159 6.62 -8.00 -17.58
N ASN B 160 5.81 -7.84 -16.54
CA ASN B 160 4.45 -8.28 -16.56
C ASN B 160 3.50 -7.11 -16.71
N ILE B 161 2.60 -7.19 -17.69
CA ILE B 161 1.66 -6.15 -17.97
C ILE B 161 0.30 -6.50 -17.37
N GLY B 162 -0.21 -5.63 -16.51
CA GLY B 162 -1.48 -5.78 -15.88
C GLY B 162 -2.57 -5.35 -16.80
N SER B 163 -3.80 -5.53 -16.34
CA SER B 163 -4.96 -5.28 -17.18
C SER B 163 -5.32 -3.84 -17.24
N VAL B 164 -6.06 -3.50 -18.26
CA VAL B 164 -6.57 -2.16 -18.46
C VAL B 164 -7.83 -1.91 -17.65
N VAL B 165 -7.99 -0.67 -17.16
CA VAL B 165 -9.19 -0.23 -16.48
C VAL B 165 -10.31 -0.16 -17.47
N GLY B 166 -11.50 -0.55 -17.04
CA GLY B 166 -12.74 -0.29 -17.81
C GLY B 166 -13.90 -1.16 -17.40
N ALA B 167 -13.57 -2.31 -16.82
CA ALA B 167 -14.52 -3.38 -16.52
C ALA B 167 -15.87 -2.89 -15.94
N MET B 168 -16.95 -3.42 -16.52
CA MET B 168 -18.30 -2.99 -16.19
C MET B 168 -18.83 -3.65 -14.89
N GLY B 169 -19.39 -2.82 -14.02
CA GLY B 169 -20.05 -3.31 -12.83
C GLY B 169 -19.12 -3.79 -11.72
N ASN B 170 -19.74 -4.29 -10.64
CA ASN B 170 -19.01 -4.66 -9.41
C ASN B 170 -18.15 -5.92 -9.53
N ALA B 171 -18.65 -6.93 -10.24
CA ALA B 171 -17.87 -8.16 -10.47
C ALA B 171 -16.56 -7.87 -11.24
N GLY B 172 -16.66 -6.97 -12.24
CA GLY B 172 -15.53 -6.52 -13.02
C GLY B 172 -14.50 -5.76 -12.19
N GLN B 173 -14.98 -4.90 -11.31
CA GLN B 173 -14.09 -4.21 -10.38
C GLN B 173 -13.37 -5.17 -9.41
N THR B 174 -14.09 -6.19 -8.94
CA THR B 174 -13.51 -7.17 -8.05
C THR B 174 -12.42 -7.95 -8.75
N ASN B 175 -12.70 -8.32 -10.01
CA ASN B 175 -11.73 -9.02 -10.84
C ASN B 175 -10.48 -8.18 -11.10
N TYR B 176 -10.65 -6.94 -11.54
CA TYR B 176 -9.57 -6.00 -11.79
C TYR B 176 -8.72 -5.79 -10.52
N ALA B 177 -9.36 -5.48 -9.42
CA ALA B 177 -8.63 -5.20 -8.18
C ALA B 177 -7.92 -6.42 -7.67
N ALA B 178 -8.52 -7.60 -7.82
CA ALA B 178 -7.81 -8.82 -7.41
C ALA B 178 -6.57 -9.11 -8.29
N ALA B 179 -6.75 -9.03 -9.59
CA ALA B 179 -5.69 -9.32 -10.52
C ALA B 179 -4.54 -8.37 -10.29
N LYS B 180 -4.86 -7.13 -9.98
CA LYS B 180 -3.82 -6.14 -9.76
C LYS B 180 -3.01 -6.42 -8.47
N ALA B 181 -3.70 -6.76 -7.41
CA ALA B 181 -3.04 -7.14 -6.16
C ALA B 181 -2.20 -8.41 -6.32
N GLY B 182 -2.70 -9.38 -7.09
CA GLY B 182 -1.97 -10.61 -7.36
C GLY B 182 -0.74 -10.36 -8.21
N LEU B 183 -0.89 -9.54 -9.24
CA LEU B 183 0.23 -9.24 -10.11
C LEU B 183 1.37 -8.59 -9.31
N GLU B 184 1.03 -7.66 -8.48
CA GLU B 184 2.02 -6.92 -7.72
C GLU B 184 2.76 -7.76 -6.67
N GLY B 185 2.05 -8.64 -5.97
CA GLY B 185 2.66 -9.56 -5.01
C GLY B 185 3.53 -10.60 -5.71
N PHE B 186 2.99 -11.18 -6.77
CA PHE B 186 3.73 -12.14 -7.57
C PHE B 186 5.04 -11.56 -8.05
N THR B 187 4.97 -10.37 -8.63
CA THR B 187 6.14 -9.72 -9.21
C THR B 187 7.18 -9.47 -8.14
N ARG B 188 6.72 -9.03 -6.98
CA ARG B 188 7.61 -8.76 -5.87
C ARG B 188 8.33 -10.06 -5.43
N ALA B 189 7.61 -11.18 -5.41
CA ALA B 189 8.17 -12.41 -4.91
C ALA B 189 9.18 -13.02 -5.91
N LEU B 190 8.80 -13.10 -7.18
CA LEU B 190 9.70 -13.62 -8.16
C LEU B 190 10.97 -12.76 -8.24
N ALA B 191 10.83 -11.46 -8.09
CA ALA B 191 12.00 -10.58 -8.11
C ALA B 191 12.97 -10.95 -7.02
N ARG B 192 12.46 -11.25 -5.83
CA ARG B 192 13.36 -11.71 -4.75
C ARG B 192 14.08 -13.03 -5.09
N GLU B 193 13.35 -13.95 -5.69
CA GLU B 193 13.88 -15.23 -6.04
C GLU B 193 15.04 -15.18 -7.05
N VAL B 194 15.00 -14.26 -8.00
CA VAL B 194 15.94 -14.29 -9.12
C VAL B 194 16.92 -13.13 -9.15
N GLY B 195 16.87 -12.28 -8.15
CA GLY B 195 17.76 -11.16 -8.07
C GLY B 195 19.25 -11.45 -8.14
N SER B 196 19.72 -12.49 -7.45
CA SER B 196 21.17 -12.72 -7.35
C SER B 196 21.79 -12.97 -8.72
N ARG B 197 20.96 -13.37 -9.69
CA ARG B 197 21.40 -13.60 -11.05
C ARG B 197 21.31 -12.38 -11.97
N ALA B 198 21.20 -11.17 -11.38
CA ALA B 198 21.01 -9.94 -12.14
C ALA B 198 19.87 -9.99 -13.20
N ILE B 199 18.79 -10.69 -12.86
CA ILE B 199 17.55 -10.66 -13.58
C ILE B 199 16.55 -9.77 -12.80
N THR B 200 15.90 -8.81 -13.47
CA THR B 200 14.93 -7.98 -12.78
C THR B 200 13.56 -8.44 -13.19
N VAL B 201 12.62 -8.26 -12.27
CA VAL B 201 11.22 -8.60 -12.54
C VAL B 201 10.37 -7.43 -12.07
N ASN B 202 9.66 -6.84 -13.02
CA ASN B 202 8.81 -5.71 -12.74
C ASN B 202 7.47 -5.86 -13.44
N ALA B 203 6.53 -5.02 -13.07
CA ALA B 203 5.24 -5.01 -13.71
C ALA B 203 4.81 -3.62 -14.05
N VAL B 204 3.85 -3.52 -14.96
CA VAL B 204 3.33 -2.22 -15.37
C VAL B 204 1.84 -2.32 -15.18
N ALA B 205 1.26 -1.38 -14.44
CA ALA B 205 -0.19 -1.41 -14.21
C ALA B 205 -0.85 -0.29 -14.96
N PRO B 206 -1.39 -0.56 -16.14
CA PRO B 206 -2.07 0.51 -16.87
C PRO B 206 -3.40 0.95 -16.28
N GLY B 207 -3.82 2.17 -16.65
CA GLY B 207 -5.09 2.71 -16.28
C GLY B 207 -5.99 2.65 -17.49
N PHE B 208 -6.61 3.77 -17.81
CA PHE B 208 -7.58 3.79 -18.86
C PHE B 208 -6.84 4.09 -20.17
N ILE B 209 -6.55 3.04 -20.93
CA ILE B 209 -5.78 3.13 -22.16
C ILE B 209 -6.70 2.90 -23.35
N ASP B 210 -6.42 3.58 -24.43
CA ASP B 210 -7.19 3.45 -25.63
C ASP B 210 -6.89 2.13 -26.32
N THR B 211 -7.81 1.18 -26.15
CA THR B 211 -7.74 -0.13 -26.78
C THR B 211 -9.08 -0.53 -27.37
N ASP B 212 -9.04 -1.56 -28.20
CA ASP B 212 -10.25 -2.13 -28.76
C ASP B 212 -11.27 -2.47 -27.67
N MET B 213 -10.81 -2.98 -26.53
CA MET B 213 -11.70 -3.24 -25.36
C MET B 213 -12.34 -1.96 -24.72
N THR B 214 -11.57 -0.90 -24.56
CA THR B 214 -12.12 0.32 -23.96
C THR B 214 -12.99 1.07 -24.97
N ARG B 215 -12.75 0.85 -26.25
CA ARG B 215 -13.60 1.49 -27.30
C ARG B 215 -15.01 0.93 -27.32
N GLU B 216 -15.15 -0.28 -26.80
CA GLU B 216 -16.46 -0.93 -26.70
C GLU B 216 -17.26 -0.33 -25.56
N LEU B 217 -16.61 0.39 -24.65
CA LEU B 217 -17.34 1.02 -23.57
C LEU B 217 -18.26 2.07 -24.16
N PRO B 218 -19.50 2.12 -23.69
CA PRO B 218 -20.38 3.18 -24.12
C PRO B 218 -19.87 4.54 -23.66
N GLU B 219 -20.18 5.60 -24.40
CA GLU B 219 -19.70 6.96 -24.14
C GLU B 219 -19.93 7.48 -22.71
N ALA B 220 -21.07 7.13 -22.07
CA ALA B 220 -21.30 7.62 -20.70
C ALA B 220 -20.21 7.11 -19.75
N GLN B 221 -19.85 5.84 -19.87
CA GLN B 221 -18.84 5.22 -18.99
C GLN B 221 -17.43 5.72 -19.30
N ARG B 222 -17.13 5.95 -20.57
CA ARG B 222 -15.86 6.57 -20.93
C ARG B 222 -15.75 7.93 -20.30
N GLU B 223 -16.84 8.70 -20.36
CA GLU B 223 -16.81 10.05 -19.85
C GLU B 223 -16.65 10.07 -18.34
N ALA B 224 -17.25 9.11 -17.68
CA ALA B 224 -17.15 9.00 -16.22
C ALA B 224 -15.72 8.59 -15.80
N LEU B 225 -15.09 7.71 -16.60
CA LEU B 225 -13.73 7.30 -16.31
C LEU B 225 -12.78 8.51 -16.53
N LEU B 226 -12.94 9.22 -17.64
CA LEU B 226 -12.10 10.38 -17.93
C LEU B 226 -12.16 11.30 -16.79
N GLY B 227 -13.36 11.45 -16.24
CA GLY B 227 -13.57 12.50 -15.23
C GLY B 227 -12.76 12.20 -14.03
N GLN B 228 -12.40 10.94 -13.85
CA GLN B 228 -11.59 10.51 -12.73
CA GLN B 228 -11.57 10.54 -12.74
C GLN B 228 -10.08 10.54 -13.04
N ILE B 229 -9.70 10.96 -14.21
CA ILE B 229 -8.27 10.99 -14.61
C ILE B 229 -7.74 12.41 -14.63
N PRO B 230 -6.82 12.74 -13.72
CA PRO B 230 -6.28 14.11 -13.67
C PRO B 230 -5.69 14.63 -15.02
N LEU B 231 -5.05 13.79 -15.80
CA LEU B 231 -4.47 14.25 -17.06
C LEU B 231 -5.58 14.56 -18.06
N GLY B 232 -6.78 14.01 -17.81
CA GLY B 232 -7.92 14.40 -18.63
C GLY B 232 -8.02 13.68 -19.96
N ARG B 233 -7.30 12.58 -20.11
CA ARG B 233 -7.30 11.86 -21.36
C ARG B 233 -6.99 10.38 -21.11
N LEU B 234 -7.38 9.56 -22.08
CA LEU B 234 -6.97 8.19 -22.14
C LEU B 234 -5.51 8.09 -22.47
N GLY B 235 -4.90 7.01 -22.03
CA GLY B 235 -3.49 6.75 -22.34
C GLY B 235 -3.40 6.03 -23.63
N GLN B 236 -2.29 6.19 -24.31
CA GLN B 236 -2.01 5.54 -25.58
C GLN B 236 -1.18 4.31 -25.34
N ALA B 237 -1.40 3.30 -26.15
CA ALA B 237 -0.64 2.08 -26.05
C ALA B 237 0.87 2.36 -26.02
N GLU B 238 1.31 3.31 -26.84
CA GLU B 238 2.72 3.66 -26.95
CA GLU B 238 2.75 3.68 -26.96
C GLU B 238 3.24 4.13 -25.58
N GLU B 239 2.37 4.75 -24.80
CA GLU B 239 2.72 5.26 -23.49
C GLU B 239 3.01 4.18 -22.49
N ILE B 240 2.36 3.04 -22.64
CA ILE B 240 2.73 1.86 -21.87
C ILE B 240 4.08 1.35 -22.36
N ALA B 241 4.17 1.21 -23.67
CA ALA B 241 5.31 0.57 -24.32
C ALA B 241 6.61 1.31 -23.99
N LYS B 242 6.57 2.63 -23.85
CA LYS B 242 7.77 3.38 -23.51
C LYS B 242 8.28 3.05 -22.14
N VAL B 243 7.35 2.75 -21.21
CA VAL B 243 7.70 2.45 -19.84
C VAL B 243 8.35 1.10 -19.81
N VAL B 244 7.77 0.20 -20.56
CA VAL B 244 8.32 -1.15 -20.74
C VAL B 244 9.73 -1.09 -21.35
N GLY B 245 9.90 -0.25 -22.38
CA GLY B 245 11.20 -0.07 -23.04
C GLY B 245 12.24 0.39 -22.06
N PHE B 246 11.86 1.28 -21.18
CA PHE B 246 12.80 1.74 -20.15
C PHE B 246 13.18 0.66 -19.13
N LEU B 247 12.20 -0.01 -18.58
CA LEU B 247 12.43 -1.15 -17.69
C LEU B 247 13.31 -2.25 -18.30
N ALA B 248 13.23 -2.42 -19.62
CA ALA B 248 14.05 -3.39 -20.30
C ALA B 248 15.52 -2.92 -20.43
N SER B 249 15.79 -1.63 -20.30
CA SER B 249 17.14 -1.09 -20.50
C SER B 249 18.09 -1.34 -19.32
N ASP B 250 19.38 -1.09 -19.57
CA ASP B 250 20.43 -1.22 -18.58
C ASP B 250 20.30 -0.16 -17.54
N GLY B 251 19.67 0.95 -17.89
CA GLY B 251 19.45 2.01 -16.91
C GLY B 251 18.42 1.70 -15.82
N ALA B 252 17.59 0.70 -16.06
CA ALA B 252 16.63 0.23 -15.07
C ALA B 252 17.16 -0.96 -14.25
N ALA B 253 18.45 -1.11 -14.18
CA ALA B 253 19.03 -2.34 -13.61
C ALA B 253 18.82 -2.49 -12.11
N TYR B 254 18.62 -1.42 -11.39
CA TYR B 254 18.41 -1.49 -9.96
C TYR B 254 16.92 -1.41 -9.62
N VAL B 255 16.06 -1.43 -10.63
CA VAL B 255 14.65 -1.47 -10.42
C VAL B 255 14.21 -2.90 -10.55
N THR B 256 13.75 -3.45 -9.43
CA THR B 256 13.16 -4.76 -9.48
C THR B 256 12.14 -4.95 -8.36
N GLY B 257 11.18 -5.83 -8.62
CA GLY B 257 10.06 -6.04 -7.72
C GLY B 257 9.01 -4.96 -7.79
N ALA B 258 9.14 -4.04 -8.76
CA ALA B 258 8.26 -2.89 -8.78
C ALA B 258 7.10 -3.07 -9.70
N THR B 259 6.00 -2.45 -9.33
CA THR B 259 4.85 -2.32 -10.21
C THR B 259 4.62 -0.88 -10.52
N VAL B 260 4.88 -0.48 -11.78
CA VAL B 260 4.87 0.95 -12.17
C VAL B 260 3.53 1.30 -12.75
N PRO B 261 2.84 2.25 -12.13
CA PRO B 261 1.46 2.54 -12.60
C PRO B 261 1.48 3.57 -13.69
N VAL B 262 0.76 3.31 -14.78
CA VAL B 262 0.75 4.22 -15.90
C VAL B 262 -0.70 4.59 -16.21
N ASN B 263 -1.22 5.58 -15.47
CA ASN B 263 -2.67 5.73 -15.38
C ASN B 263 -3.10 7.17 -15.28
N GLY B 264 -2.19 8.08 -15.56
CA GLY B 264 -2.57 9.48 -15.66
C GLY B 264 -3.04 10.06 -14.37
N GLY B 265 -2.72 9.38 -13.28
CA GLY B 265 -3.03 9.92 -11.96
C GLY B 265 -4.29 9.35 -11.32
N MET B 266 -4.99 8.45 -12.04
CA MET B 266 -6.19 7.80 -11.54
C MET B 266 -5.75 6.55 -10.83
N TYR B 267 -5.77 6.62 -9.51
CA TYR B 267 -5.51 5.41 -8.69
C TYR B 267 -6.82 4.87 -8.06
N MET B 268 -6.94 3.54 -7.97
CA MET B 268 -8.21 2.87 -7.61
C MET B 268 -8.02 1.89 -6.45
N GLU C 16 22.08 6.11 -37.31
CA GLU C 16 21.69 4.75 -36.79
C GLU C 16 21.21 4.72 -35.34
N ASN C 17 21.68 5.64 -34.49
CA ASN C 17 21.12 5.78 -33.15
C ASN C 17 19.98 6.80 -33.04
N LEU C 18 19.21 6.93 -34.10
CA LEU C 18 18.41 8.11 -34.25
C LEU C 18 17.05 7.96 -33.54
N TYR C 19 16.56 6.73 -33.36
CA TYR C 19 15.29 6.52 -32.64
C TYR C 19 15.36 7.15 -31.23
N PHE C 20 16.54 7.11 -30.63
CA PHE C 20 16.70 7.58 -29.26
C PHE C 20 16.65 9.11 -29.13
N GLN C 21 16.62 9.85 -30.24
CA GLN C 21 16.46 11.30 -30.16
C GLN C 21 15.10 11.68 -29.53
N SER C 22 14.11 10.80 -29.51
CA SER C 22 12.86 11.15 -28.85
C SER C 22 12.92 11.17 -27.32
N MET C 23 13.99 10.62 -26.71
CA MET C 23 14.23 10.69 -25.25
C MET C 23 15.01 11.98 -24.90
N SER C 24 15.32 12.75 -25.94
CA SER C 24 16.04 14.02 -25.81
C SER C 24 15.29 15.09 -25.04
N LEU C 25 16.02 15.84 -24.21
CA LEU C 25 15.49 16.98 -23.46
C LEU C 25 16.07 18.29 -24.02
N GLN C 26 16.52 18.21 -25.27
CA GLN C 26 16.87 19.38 -26.06
C GLN C 26 15.79 20.42 -25.99
N GLY C 27 16.18 21.62 -25.64
CA GLY C 27 15.23 22.73 -25.54
C GLY C 27 14.45 22.85 -24.23
N LYS C 28 14.70 21.96 -23.27
CA LYS C 28 14.14 22.12 -21.93
C LYS C 28 15.14 22.69 -20.98
N VAL C 29 14.63 23.40 -19.98
CA VAL C 29 15.42 23.80 -18.84
C VAL C 29 15.00 23.06 -17.59
N ALA C 30 15.99 22.58 -16.85
CA ALA C 30 15.80 21.75 -15.69
C ALA C 30 16.50 22.34 -14.45
N LEU C 31 15.78 22.38 -13.36
CA LEU C 31 16.28 22.81 -12.09
C LEU C 31 16.40 21.57 -11.23
N VAL C 32 17.56 21.37 -10.63
CA VAL C 32 17.86 20.21 -9.84
C VAL C 32 18.40 20.66 -8.53
N THR C 33 17.65 20.51 -7.44
CA THR C 33 18.10 20.98 -6.18
C THR C 33 19.02 19.96 -5.57
N GLY C 34 19.87 20.44 -4.63
CA GLY C 34 20.88 19.59 -3.98
C GLY C 34 21.73 18.83 -4.98
N ALA C 35 22.24 19.52 -5.98
CA ALA C 35 22.99 18.86 -7.07
C ALA C 35 24.50 18.77 -6.90
N SER C 36 25.03 19.13 -5.73
CA SER C 36 26.51 19.25 -5.59
C SER C 36 27.26 17.94 -5.46
N ARG C 37 26.54 16.84 -5.17
CA ARG C 37 27.14 15.52 -5.07
C ARG C 37 26.11 14.36 -5.15
N GLY C 38 26.64 13.14 -5.21
CA GLY C 38 25.88 11.93 -5.22
C GLY C 38 24.72 11.93 -6.21
N ILE C 39 23.56 11.53 -5.70
CA ILE C 39 22.34 11.39 -6.49
C ILE C 39 21.97 12.65 -7.28
N GLY C 40 21.87 13.78 -6.60
CA GLY C 40 21.60 15.05 -7.23
C GLY C 40 22.56 15.41 -8.35
N GLN C 41 23.85 15.19 -8.11
CA GLN C 41 24.86 15.41 -9.14
C GLN C 41 24.66 14.46 -10.31
N ALA C 42 24.55 13.17 -10.03
CA ALA C 42 24.31 12.21 -11.13
C ALA C 42 23.07 12.59 -11.99
N ILE C 43 22.03 13.11 -11.35
CA ILE C 43 20.85 13.59 -12.07
C ILE C 43 21.14 14.85 -12.90
N ALA C 44 21.85 15.81 -12.35
CA ALA C 44 22.20 17.01 -13.10
C ALA C 44 22.94 16.61 -14.38
N LEU C 45 23.90 15.71 -14.25
CA LEU C 45 24.65 15.26 -15.41
C LEU C 45 23.83 14.45 -16.38
N GLU C 46 22.90 13.63 -15.89
CA GLU C 46 22.09 12.81 -16.80
C GLU C 46 21.16 13.71 -17.63
N LEU C 47 20.56 14.69 -17.00
CA LEU C 47 19.63 15.54 -17.71
C LEU C 47 20.46 16.38 -18.69
N GLY C 48 21.62 16.84 -18.24
CA GLY C 48 22.59 17.56 -19.12
C GLY C 48 22.93 16.75 -20.37
N ARG C 49 23.32 15.51 -20.15
CA ARG C 49 23.65 14.62 -21.24
C ARG C 49 22.47 14.33 -22.18
N LEU C 50 21.25 14.35 -21.65
CA LEU C 50 20.05 14.15 -22.48
C LEU C 50 19.74 15.42 -23.25
N GLY C 51 20.50 16.49 -23.03
CA GLY C 51 20.33 17.68 -23.84
C GLY C 51 19.75 18.88 -23.13
N ALA C 52 19.33 18.73 -21.89
CA ALA C 52 18.74 19.87 -21.21
C ALA C 52 19.79 20.91 -20.74
N VAL C 53 19.34 22.15 -20.63
CA VAL C 53 20.07 23.14 -19.90
C VAL C 53 19.76 22.90 -18.44
N VAL C 54 20.79 22.88 -17.60
CA VAL C 54 20.63 22.45 -16.21
C VAL C 54 21.10 23.48 -15.20
N ILE C 55 20.23 23.85 -14.28
CA ILE C 55 20.59 24.64 -13.11
C ILE C 55 20.59 23.73 -11.89
N GLY C 56 21.76 23.45 -11.35
CA GLY C 56 21.92 22.73 -10.11
C GLY C 56 22.05 23.70 -8.96
N THR C 57 21.60 23.32 -7.77
CA THR C 57 21.62 24.23 -6.64
C THR C 57 22.16 23.59 -5.39
N ALA C 58 22.61 24.45 -4.47
CA ALA C 58 23.14 24.01 -3.19
C ALA C 58 22.80 25.04 -2.11
N THR C 59 22.97 24.66 -0.84
CA THR C 59 22.69 25.60 0.25
C THR C 59 23.84 26.61 0.42
N SER C 60 25.05 26.22 0.01
CA SER C 60 26.24 27.04 0.19
C SER C 60 26.79 27.54 -1.13
N ALA C 61 27.48 28.69 -1.08
CA ALA C 61 28.15 29.26 -2.25
C ALA C 61 29.24 28.35 -2.80
N SER C 62 29.89 27.58 -1.92
CA SER C 62 30.97 26.70 -2.37
C SER C 62 30.40 25.51 -3.16
N GLY C 63 29.30 24.92 -2.66
CA GLY C 63 28.56 23.90 -3.41
C GLY C 63 28.08 24.40 -4.78
N ALA C 64 27.56 25.62 -4.81
CA ALA C 64 27.12 26.23 -6.08
C ALA C 64 28.26 26.43 -7.06
N GLU C 65 29.44 26.75 -6.56
CA GLU C 65 30.64 26.78 -7.38
C GLU C 65 31.01 25.41 -7.91
N LYS C 66 31.03 24.43 -7.02
CA LYS C 66 31.32 23.04 -7.41
C LYS C 66 30.39 22.55 -8.53
N ILE C 67 29.11 22.85 -8.40
CA ILE C 67 28.12 22.46 -9.42
C ILE C 67 28.50 23.09 -10.75
N ALA C 68 28.65 24.41 -10.76
CA ALA C 68 28.98 25.12 -12.02
C ALA C 68 30.24 24.58 -12.67
N GLU C 69 31.26 24.31 -11.86
CA GLU C 69 32.50 23.69 -12.35
C GLU C 69 32.20 22.33 -12.99
N THR C 70 31.40 21.53 -12.28
CA THR C 70 31.09 20.17 -12.71
C THR C 70 30.36 20.16 -14.05
N LEU C 71 29.44 21.10 -14.19
CA LEU C 71 28.65 21.22 -15.42
C LEU C 71 29.52 21.60 -16.61
N LYS C 72 30.34 22.63 -16.43
CA LYS C 72 31.30 23.02 -17.46
C LYS C 72 32.17 21.87 -17.88
N ALA C 73 32.83 21.24 -16.91
CA ALA C 73 33.65 20.07 -17.18
C ALA C 73 32.96 18.95 -17.98
N ASN C 74 31.64 18.80 -17.86
CA ASN C 74 30.93 17.74 -18.62
C ASN C 74 30.21 18.21 -19.89
N GLY C 75 30.43 19.47 -20.26
CA GLY C 75 29.90 20.00 -21.52
C GLY C 75 28.42 20.32 -21.48
N VAL C 76 27.96 20.77 -20.31
CA VAL C 76 26.55 21.01 -20.07
C VAL C 76 26.30 22.49 -19.86
N GLU C 77 25.45 23.09 -20.68
CA GLU C 77 25.13 24.49 -20.50
C GLU C 77 24.26 24.60 -19.25
N GLY C 78 24.56 25.56 -18.39
CA GLY C 78 23.70 25.86 -17.29
C GLY C 78 24.42 26.66 -16.22
N ALA C 79 24.13 26.34 -14.96
CA ALA C 79 24.61 27.15 -13.84
C ALA C 79 24.48 26.44 -12.48
N GLY C 80 25.32 26.86 -11.53
CA GLY C 80 25.23 26.49 -10.14
C GLY C 80 24.79 27.69 -9.32
N LEU C 81 23.71 27.56 -8.58
CA LEU C 81 23.17 28.66 -7.78
C LEU C 81 22.97 28.23 -6.33
N VAL C 82 22.70 29.20 -5.48
CA VAL C 82 22.49 28.95 -4.09
C VAL C 82 21.01 29.00 -3.90
N LEU C 83 20.46 28.01 -3.21
CA LEU C 83 19.04 27.97 -2.97
C LEU C 83 18.70 27.34 -1.64
N ASP C 84 17.88 28.02 -0.86
CA ASP C 84 17.40 27.48 0.38
C ASP C 84 15.87 27.34 0.28
N VAL C 85 15.44 26.09 0.05
CA VAL C 85 14.04 25.78 -0.21
C VAL C 85 13.13 26.08 0.99
N SER C 86 13.73 26.27 2.17
CA SER C 86 12.96 26.68 3.36
C SER C 86 12.62 28.16 3.35
N SER C 87 13.23 28.93 2.45
CA SER C 87 12.98 30.37 2.41
C SER C 87 12.16 30.86 1.19
N ASP C 88 10.98 31.43 1.44
CA ASP C 88 10.16 32.03 0.35
C ASP C 88 10.99 33.00 -0.51
N GLU C 89 11.89 33.70 0.15
CA GLU C 89 12.71 34.73 -0.45
C GLU C 89 13.76 34.12 -1.38
N SER C 90 14.50 33.15 -0.87
CA SER C 90 15.51 32.45 -1.69
C SER C 90 14.90 31.77 -2.89
N VAL C 91 13.71 31.18 -2.71
CA VAL C 91 13.00 30.52 -3.79
C VAL C 91 12.60 31.53 -4.85
N ALA C 92 11.84 32.56 -4.45
CA ALA C 92 11.39 33.59 -5.42
C ALA C 92 12.56 34.18 -6.16
N ALA C 93 13.64 34.47 -5.42
CA ALA C 93 14.83 35.12 -5.97
C ALA C 93 15.51 34.24 -6.99
N THR C 94 15.75 32.98 -6.62
CA THR C 94 16.44 32.05 -7.51
C THR C 94 15.68 31.84 -8.82
N LEU C 95 14.36 31.70 -8.73
CA LEU C 95 13.52 31.51 -9.93
CA LEU C 95 13.52 31.52 -9.93
C LEU C 95 13.52 32.74 -10.83
N GLU C 96 13.34 33.92 -10.22
CA GLU C 96 13.42 35.20 -10.94
C GLU C 96 14.78 35.30 -11.71
N HIS C 97 15.89 34.95 -11.05
CA HIS C 97 17.19 34.87 -11.72
C HIS C 97 17.21 33.89 -12.90
N ILE C 98 16.69 32.71 -12.71
CA ILE C 98 16.74 31.67 -13.76
C ILE C 98 15.94 32.07 -14.99
N GLN C 99 14.74 32.61 -14.77
CA GLN C 99 13.89 33.05 -15.87
C GLN C 99 14.58 34.16 -16.70
N GLN C 100 15.21 35.11 -16.00
CA GLN C 100 15.90 36.22 -16.67
C GLN C 100 17.13 35.81 -17.48
N HIS C 101 17.95 34.93 -16.92
CA HIS C 101 19.21 34.51 -17.58
C HIS C 101 19.20 33.24 -18.40
N LEU C 102 18.28 32.29 -18.13
CA LEU C 102 18.35 30.96 -18.81
C LEU C 102 17.08 30.37 -19.44
N GLY C 103 15.92 30.79 -18.96
CA GLY C 103 14.63 30.28 -19.42
C GLY C 103 13.83 29.74 -18.26
N GLN C 104 12.59 29.37 -18.52
CA GLN C 104 11.73 28.83 -17.48
C GLN C 104 12.08 27.36 -17.24
N PRO C 105 12.23 26.93 -15.98
CA PRO C 105 12.49 25.52 -15.74
C PRO C 105 11.18 24.73 -15.72
N LEU C 106 11.03 23.85 -16.70
CA LEU C 106 9.83 23.06 -16.87
C LEU C 106 10.07 21.62 -16.40
N ILE C 107 11.30 21.30 -16.07
CA ILE C 107 11.65 20.07 -15.42
C ILE C 107 12.26 20.49 -14.08
N VAL C 108 11.68 20.00 -12.97
CA VAL C 108 12.16 20.30 -11.64
C VAL C 108 12.33 19.02 -10.83
N VAL C 109 13.52 18.84 -10.30
CA VAL C 109 13.87 17.69 -9.55
C VAL C 109 14.25 18.09 -8.12
N ASN C 110 13.43 17.72 -7.14
CA ASN C 110 13.66 18.05 -5.74
C ASN C 110 14.48 16.95 -5.10
N ASN C 111 15.68 17.27 -4.64
CA ASN C 111 16.58 16.28 -4.10
C ASN C 111 17.16 16.92 -2.80
N ALA C 112 17.33 16.15 -1.74
CA ALA C 112 17.70 16.73 -0.43
C ALA C 112 18.68 15.82 0.38
N LYS C 124 17.33 11.65 16.93
CA LYS C 124 16.43 11.30 18.04
C LYS C 124 15.14 10.51 17.69
N ASP C 125 14.65 9.74 18.66
CA ASP C 125 13.34 9.05 18.63
C ASP C 125 12.18 9.94 18.11
N ASP C 126 12.24 11.23 18.40
CA ASP C 126 11.12 12.15 18.18
C ASP C 126 11.30 13.13 17.01
N GLU C 127 12.32 12.94 16.16
CA GLU C 127 12.69 13.94 15.16
C GLU C 127 11.88 13.81 13.87
N TRP C 128 11.26 12.66 13.68
CA TRP C 128 10.56 12.32 12.44
C TRP C 128 9.49 13.35 12.01
N PHE C 129 8.72 13.85 12.97
CA PHE C 129 7.63 14.73 12.65
C PHE C 129 8.13 16.04 12.06
N ASP C 130 9.07 16.70 12.72
CA ASP C 130 9.68 17.93 12.20
C ASP C 130 10.37 17.74 10.87
N VAL C 131 11.08 16.64 10.70
CA VAL C 131 11.69 16.33 9.42
C VAL C 131 10.68 16.20 8.26
N VAL C 132 9.60 15.45 8.45
CA VAL C 132 8.65 15.28 7.38
C VAL C 132 7.93 16.60 7.10
N ASN C 133 7.55 17.28 8.17
CA ASN C 133 6.88 18.56 8.13
C ASN C 133 7.72 19.58 7.37
N THR C 134 9.01 19.59 7.61
CA THR C 134 9.91 20.48 6.90
C THR C 134 10.11 20.06 5.43
N ASN C 135 10.38 18.78 5.16
CA ASN C 135 10.58 18.35 3.78
C ASN C 135 9.39 18.76 2.94
N LEU C 136 8.18 18.45 3.40
CA LEU C 136 7.01 18.59 2.56
C LEU C 136 6.60 20.03 2.43
N ASN C 137 6.76 20.83 3.47
CA ASN C 137 6.59 22.31 3.33
C ASN C 137 7.58 22.93 2.34
N SER C 138 8.81 22.43 2.33
CA SER C 138 9.74 22.78 1.28
C SER C 138 9.37 22.31 -0.12
N LEU C 139 8.96 21.05 -0.28
CA LEU C 139 8.55 20.57 -1.59
C LEU C 139 7.40 21.42 -2.04
N TYR C 140 6.45 21.67 -1.16
CA TYR C 140 5.27 22.44 -1.59
C TYR C 140 5.65 23.89 -2.04
N ARG C 141 6.56 24.50 -1.30
CA ARG C 141 6.97 25.87 -1.58
C ARG C 141 7.63 25.94 -2.94
N LEU C 142 8.57 25.05 -3.20
CA LEU C 142 9.27 25.08 -4.46
C LEU C 142 8.33 24.71 -5.58
N SER C 143 7.51 23.69 -5.35
CA SER C 143 6.65 23.18 -6.41
C SER C 143 5.67 24.26 -6.85
N LYS C 144 5.01 24.88 -5.88
CA LYS C 144 4.06 25.98 -6.15
C LYS C 144 4.68 27.11 -6.96
N ALA C 145 5.94 27.43 -6.68
CA ALA C 145 6.60 28.50 -7.37
C ALA C 145 6.93 28.17 -8.82
N VAL C 146 7.47 26.98 -9.07
CA VAL C 146 7.72 26.58 -10.47
C VAL C 146 6.43 26.27 -11.27
N LEU C 147 5.31 26.06 -10.60
CA LEU C 147 4.02 25.76 -11.29
C LEU C 147 3.39 26.87 -12.14
N ARG C 148 3.60 28.14 -11.80
CA ARG C 148 3.05 29.23 -12.60
C ARG C 148 3.61 29.11 -14.02
N GLY C 149 4.94 28.97 -14.14
CA GLY C 149 5.59 28.72 -15.40
C GLY C 149 5.08 27.49 -16.15
N MET C 150 4.94 26.35 -15.45
CA MET C 150 4.51 25.12 -16.09
C MET C 150 3.06 25.22 -16.56
N THR C 151 2.26 25.96 -15.81
CA THR C 151 0.84 26.19 -16.14
C THR C 151 0.67 27.00 -17.41
N LYS C 152 1.44 28.07 -17.51
CA LYS C 152 1.48 28.84 -18.74
C LYS C 152 1.91 27.97 -19.87
N ALA C 153 2.96 27.18 -19.70
CA ALA C 153 3.46 26.39 -20.80
C ALA C 153 2.54 25.20 -21.14
N ARG C 154 1.65 24.85 -20.23
CA ARG C 154 0.87 23.62 -20.29
C ARG C 154 1.73 22.38 -20.45
N TRP C 155 2.83 22.37 -19.71
CA TRP C 155 3.77 21.27 -19.76
C TRP C 155 4.70 21.38 -18.59
N GLY C 156 4.98 20.24 -17.98
CA GLY C 156 5.88 20.22 -16.83
C GLY C 156 6.28 18.83 -16.37
N ARG C 157 7.35 18.77 -15.60
CA ARG C 157 7.77 17.51 -14.97
C ARG C 157 8.26 17.89 -13.60
N ILE C 158 7.55 17.44 -12.54
CA ILE C 158 8.09 17.56 -11.22
C ILE C 158 8.46 16.22 -10.69
N ILE C 159 9.69 16.10 -10.15
CA ILE C 159 10.23 14.81 -9.75
C ILE C 159 10.87 14.89 -8.40
N ASN C 160 10.29 14.20 -7.44
CA ASN C 160 10.74 14.28 -6.06
C ASN C 160 11.58 13.06 -5.71
N ILE C 161 12.80 13.28 -5.22
CA ILE C 161 13.67 12.18 -4.84
C ILE C 161 13.59 11.95 -3.35
N GLY C 162 13.27 10.73 -2.95
CA GLY C 162 13.20 10.38 -1.55
C GLY C 162 14.58 10.09 -0.97
N SER C 163 14.65 9.78 0.33
CA SER C 163 15.93 9.55 1.02
C SER C 163 16.40 8.14 0.81
N VAL C 164 17.69 7.98 1.02
CA VAL C 164 18.37 6.70 0.86
C VAL C 164 18.21 5.85 2.10
N VAL C 165 18.10 4.53 1.92
CA VAL C 165 18.06 3.58 3.06
C VAL C 165 19.43 3.57 3.73
N GLY C 166 19.41 3.47 5.06
CA GLY C 166 20.66 3.23 5.82
C GLY C 166 20.59 3.63 7.26
N ALA C 167 19.67 4.53 7.56
CA ALA C 167 19.52 5.03 8.92
C ALA C 167 19.81 3.97 10.00
N MET C 168 20.65 4.36 10.97
CA MET C 168 20.99 3.52 12.13
C MET C 168 19.84 3.43 13.14
N GLY C 169 19.51 2.20 13.53
CA GLY C 169 18.56 1.99 14.62
C GLY C 169 17.11 2.28 14.31
N ASN C 170 16.28 2.19 15.35
CA ASN C 170 14.84 2.34 15.21
C ASN C 170 14.41 3.77 14.87
N ALA C 171 15.05 4.77 15.47
CA ALA C 171 14.70 6.18 15.19
C ALA C 171 14.90 6.52 13.72
N GLY C 172 15.98 5.99 13.18
CA GLY C 172 16.30 6.17 11.78
C GLY C 172 15.31 5.45 10.86
N GLN C 173 14.87 4.27 11.25
CA GLN C 173 13.81 3.57 10.51
C GLN C 173 12.50 4.35 10.52
N THR C 174 12.18 4.92 11.68
CA THR C 174 10.97 5.67 11.83
C THR C 174 11.00 6.89 10.91
N ASN C 175 12.14 7.56 10.89
CA ASN C 175 12.32 8.74 10.04
C ASN C 175 12.17 8.38 8.57
N TYR C 176 12.92 7.37 8.15
CA TYR C 176 12.90 6.90 6.78
C TYR C 176 11.48 6.51 6.34
N ALA C 177 10.83 5.68 7.13
CA ALA C 177 9.49 5.23 6.79
C ALA C 177 8.48 6.37 6.75
N ALA C 178 8.60 7.32 7.67
CA ALA C 178 7.68 8.45 7.69
C ALA C 178 7.86 9.31 6.46
N ALA C 179 9.10 9.64 6.14
CA ALA C 179 9.37 10.48 5.03
C ALA C 179 8.91 9.82 3.75
N LYS C 180 9.12 8.52 3.64
CA LYS C 180 8.74 7.81 2.44
C LYS C 180 7.20 7.80 2.26
N ALA C 181 6.46 7.58 3.35
CA ALA C 181 5.00 7.59 3.31
C ALA C 181 4.50 8.96 2.95
N GLY C 182 5.16 9.99 3.50
CA GLY C 182 4.73 11.36 3.24
C GLY C 182 5.03 11.76 1.83
N LEU C 183 6.21 11.39 1.34
CA LEU C 183 6.57 11.73 0.01
C LEU C 183 5.54 11.14 -0.97
N GLU C 184 5.19 9.89 -0.76
CA GLU C 184 4.35 9.16 -1.68
C GLU C 184 2.91 9.68 -1.74
N GLY C 185 2.34 10.02 -0.59
CA GLY C 185 1.01 10.62 -0.52
C GLY C 185 0.99 12.02 -1.10
N PHE C 186 2.04 12.82 -0.75
CA PHE C 186 2.16 14.14 -1.29
C PHE C 186 2.18 14.11 -2.77
N THR C 187 3.03 13.29 -3.31
CA THR C 187 3.29 13.28 -4.75
C THR C 187 2.00 12.87 -5.46
N ARG C 188 1.29 11.94 -4.87
CA ARG C 188 0.05 11.52 -5.44
C ARG C 188 -0.95 12.68 -5.48
N ALA C 189 -1.01 13.43 -4.39
CA ALA C 189 -1.97 14.46 -4.31
C ALA C 189 -1.63 15.58 -5.28
N LEU C 190 -0.39 16.05 -5.27
CA LEU C 190 -0.03 17.16 -6.16
C LEU C 190 -0.23 16.78 -7.59
N ALA C 191 0.05 15.54 -7.93
CA ALA C 191 -0.22 15.05 -9.26
C ALA C 191 -1.74 15.19 -9.65
N ARG C 192 -2.63 14.93 -8.71
CA ARG C 192 -4.06 15.10 -9.00
C ARG C 192 -4.38 16.58 -9.24
N GLU C 193 -3.75 17.44 -8.45
CA GLU C 193 -4.01 18.87 -8.53
C GLU C 193 -3.58 19.54 -9.85
N VAL C 194 -2.54 19.03 -10.48
CA VAL C 194 -1.96 19.71 -11.61
C VAL C 194 -2.02 18.94 -12.92
N GLY C 195 -2.65 17.79 -12.89
CA GLY C 195 -2.81 17.01 -14.09
C GLY C 195 -3.44 17.65 -15.29
N SER C 196 -4.48 18.44 -15.10
CA SER C 196 -5.25 18.93 -16.26
C SER C 196 -4.34 19.84 -17.11
N ARG C 197 -3.27 20.32 -16.50
CA ARG C 197 -2.33 21.20 -17.20
C ARG C 197 -1.19 20.47 -17.87
N ALA C 198 -1.34 19.18 -18.08
CA ALA C 198 -0.26 18.31 -18.62
C ALA C 198 1.16 18.46 -17.92
N ILE C 199 1.14 18.59 -16.61
CA ILE C 199 2.29 18.51 -15.75
C ILE C 199 2.22 17.18 -14.97
N THR C 200 3.27 16.39 -15.02
CA THR C 200 3.30 15.17 -14.24
C THR C 200 4.10 15.43 -12.99
N VAL C 201 3.69 14.73 -11.92
CA VAL C 201 4.40 14.77 -10.65
C VAL C 201 4.65 13.36 -10.17
N ASN C 202 5.93 13.00 -10.09
CA ASN C 202 6.36 11.64 -9.73
C ASN C 202 7.44 11.67 -8.72
N ALA C 203 7.67 10.54 -8.05
CA ALA C 203 8.75 10.50 -7.09
C ALA C 203 9.57 9.27 -7.38
N VAL C 204 10.76 9.25 -6.83
CA VAL C 204 11.68 8.10 -6.94
C VAL C 204 12.14 7.77 -5.53
N ALA C 205 11.97 6.52 -5.12
CA ALA C 205 12.28 6.09 -3.74
C ALA C 205 13.47 5.20 -3.78
N PRO C 206 14.67 5.77 -3.55
CA PRO C 206 15.85 4.91 -3.61
C PRO C 206 15.95 3.94 -2.41
N GLY C 207 16.73 2.90 -2.60
CA GLY C 207 17.03 1.96 -1.56
C GLY C 207 18.45 2.20 -1.12
N PHE C 208 19.26 1.15 -1.11
CA PHE C 208 20.59 1.25 -0.55
C PHE C 208 21.52 1.67 -1.68
N ILE C 209 21.80 2.94 -1.75
CA ILE C 209 22.58 3.48 -2.85
C ILE C 209 23.94 3.88 -2.33
N ASP C 210 24.95 3.74 -3.16
CA ASP C 210 26.30 4.14 -2.80
C ASP C 210 26.48 5.63 -2.77
N THR C 211 26.45 6.18 -1.57
CA THR C 211 26.66 7.62 -1.32
C THR C 211 27.61 7.89 -0.14
N ASP C 212 28.00 9.16 0.00
CA ASP C 212 28.74 9.59 1.19
C ASP C 212 28.08 9.10 2.47
N MET C 213 26.77 9.27 2.57
CA MET C 213 26.05 8.86 3.78
C MET C 213 26.13 7.38 4.06
N THR C 214 25.99 6.56 3.01
CA THR C 214 25.97 5.12 3.22
C THR C 214 27.40 4.62 3.42
N ARG C 215 28.37 5.37 2.92
CA ARG C 215 29.78 5.00 3.13
C ARG C 215 30.19 5.09 4.59
N GLU C 216 29.51 5.97 5.34
CA GLU C 216 29.81 6.23 6.75
C GLU C 216 29.07 5.27 7.68
N LEU C 217 28.24 4.40 7.13
CA LEU C 217 27.73 3.27 7.90
C LEU C 217 28.89 2.36 8.27
N PRO C 218 28.87 1.82 9.49
CA PRO C 218 29.88 0.83 9.84
C PRO C 218 29.71 -0.43 9.01
N GLU C 219 30.81 -1.12 8.74
CA GLU C 219 30.81 -2.28 7.86
C GLU C 219 29.78 -3.39 8.20
N ALA C 220 29.53 -3.62 9.49
CA ALA C 220 28.58 -4.68 9.87
C ALA C 220 27.18 -4.38 9.32
N GLN C 221 26.78 -3.12 9.44
CA GLN C 221 25.46 -2.73 9.02
C GLN C 221 25.34 -2.68 7.47
N ARG C 222 26.40 -2.30 6.78
CA ARG C 222 26.44 -2.37 5.31
C ARG C 222 26.26 -3.83 4.83
N GLU C 223 26.95 -4.74 5.51
CA GLU C 223 26.89 -6.18 5.17
C GLU C 223 25.49 -6.78 5.42
N ALA C 224 24.87 -6.33 6.50
CA ALA C 224 23.51 -6.76 6.84
C ALA C 224 22.48 -6.22 5.83
N LEU C 225 22.67 -4.99 5.35
CA LEU C 225 21.74 -4.40 4.38
C LEU C 225 21.89 -5.14 3.06
N LEU C 226 23.12 -5.38 2.62
CA LEU C 226 23.35 -6.13 1.38
C LEU C 226 22.66 -7.46 1.41
N GLY C 227 22.72 -8.09 2.57
CA GLY C 227 22.16 -9.42 2.69
C GLY C 227 20.66 -9.42 2.49
N GLN C 228 20.03 -8.27 2.66
CA GLN C 228 18.60 -8.13 2.44
CA GLN C 228 18.59 -8.13 2.46
C GLN C 228 18.24 -7.65 1.03
N ILE C 229 19.23 -7.50 0.16
CA ILE C 229 18.96 -6.98 -1.20
C ILE C 229 19.08 -8.10 -2.22
N PRO C 230 17.95 -8.51 -2.83
CA PRO C 230 18.01 -9.57 -3.84
C PRO C 230 19.06 -9.41 -4.95
N LEU C 231 19.28 -8.19 -5.46
CA LEU C 231 20.28 -8.01 -6.50
C LEU C 231 21.70 -8.19 -5.94
N GLY C 232 21.84 -8.10 -4.63
CA GLY C 232 23.12 -8.43 -4.01
C GLY C 232 24.18 -7.35 -4.12
N ARG C 233 23.74 -6.12 -4.36
CA ARG C 233 24.67 -5.01 -4.47
C ARG C 233 23.98 -3.73 -4.13
N LEU C 234 24.78 -2.73 -3.81
CA LEU C 234 24.33 -1.38 -3.67
C LEU C 234 23.97 -0.84 -5.04
N GLY C 235 23.08 0.15 -5.03
CA GLY C 235 22.71 0.83 -6.24
C GLY C 235 23.69 1.95 -6.45
N GLN C 236 23.85 2.33 -7.71
CA GLN C 236 24.68 3.47 -8.10
C GLN C 236 23.82 4.74 -8.27
N ALA C 237 24.37 5.88 -7.91
CA ALA C 237 23.71 7.14 -8.14
C ALA C 237 23.17 7.27 -9.58
N GLU C 238 23.94 6.81 -10.58
CA GLU C 238 23.57 6.89 -11.97
C GLU C 238 22.27 6.11 -12.22
N GLU C 239 22.07 5.04 -11.44
CA GLU C 239 20.89 4.20 -11.58
C GLU C 239 19.61 4.90 -11.11
N ILE C 240 19.74 5.83 -10.16
CA ILE C 240 18.63 6.71 -9.80
C ILE C 240 18.40 7.74 -10.92
N ALA C 241 19.50 8.31 -11.42
CA ALA C 241 19.45 9.35 -12.41
C ALA C 241 18.81 8.91 -13.68
N LYS C 242 19.01 7.67 -14.08
CA LYS C 242 18.43 7.20 -15.33
C LYS C 242 16.90 7.14 -15.24
N VAL C 243 16.39 6.84 -14.05
CA VAL C 243 14.97 6.67 -13.84
C VAL C 243 14.37 8.05 -13.93
N VAL C 244 15.10 9.01 -13.37
CA VAL C 244 14.69 10.38 -13.39
C VAL C 244 14.67 10.89 -14.84
N GLY C 245 15.72 10.58 -15.59
CA GLY C 245 15.80 10.97 -16.97
C GLY C 245 14.61 10.48 -17.78
N PHE C 246 14.20 9.23 -17.52
CA PHE C 246 13.04 8.69 -18.24
C PHE C 246 11.73 9.38 -17.85
N LEU C 247 11.52 9.56 -16.57
CA LEU C 247 10.38 10.30 -16.09
C LEU C 247 10.28 11.70 -16.72
N ALA C 248 11.42 12.30 -17.02
CA ALA C 248 11.41 13.64 -17.52
C ALA C 248 11.03 13.66 -19.00
N SER C 249 11.16 12.52 -19.68
CA SER C 249 10.93 12.43 -21.11
C SER C 249 9.45 12.42 -21.49
N ASP C 250 9.19 12.60 -22.77
CA ASP C 250 7.86 12.74 -23.32
C ASP C 250 7.22 11.38 -23.27
N GLY C 251 8.03 10.32 -23.24
CA GLY C 251 7.50 8.97 -23.18
C GLY C 251 6.86 8.60 -21.85
N ALA C 252 7.19 9.33 -20.76
CA ALA C 252 6.60 9.11 -19.47
C ALA C 252 5.37 9.96 -19.23
N ALA C 253 4.73 10.43 -20.29
CA ALA C 253 3.73 11.48 -20.15
C ALA C 253 2.48 11.02 -19.46
N TYR C 254 2.23 9.71 -19.44
CA TYR C 254 1.01 9.19 -18.81
C TYR C 254 1.32 8.67 -17.46
N VAL C 255 2.58 8.84 -17.03
CA VAL C 255 2.96 8.46 -15.69
C VAL C 255 2.87 9.70 -14.84
N THR C 256 1.96 9.69 -13.90
CA THR C 256 1.91 10.70 -12.90
C THR C 256 1.30 10.14 -11.61
N GLY C 257 1.68 10.75 -10.50
CA GLY C 257 1.29 10.37 -9.16
C GLY C 257 2.07 9.20 -8.65
N ALA C 258 3.05 8.73 -9.42
CA ALA C 258 3.73 7.50 -9.07
C ALA C 258 5.00 7.73 -8.24
N THR C 259 5.28 6.80 -7.35
CA THR C 259 6.53 6.71 -6.68
C THR C 259 7.24 5.48 -7.16
N VAL C 260 8.33 5.66 -7.90
CA VAL C 260 9.04 4.52 -8.49
C VAL C 260 10.16 4.08 -7.56
N PRO C 261 10.13 2.83 -7.12
CA PRO C 261 11.14 2.38 -6.17
C PRO C 261 12.35 1.86 -6.86
N VAL C 262 13.53 2.29 -6.40
CA VAL C 262 14.76 1.89 -7.09
C VAL C 262 15.66 1.35 -6.00
N ASN C 263 15.48 0.08 -5.67
CA ASN C 263 16.06 -0.46 -4.46
C ASN C 263 16.62 -1.86 -4.54
N GLY C 264 16.79 -2.35 -5.76
CA GLY C 264 17.27 -3.70 -5.97
C GLY C 264 16.40 -4.81 -5.40
N GLY C 265 15.13 -4.52 -5.12
CA GLY C 265 14.21 -5.58 -4.63
C GLY C 265 14.04 -5.63 -3.15
N MET C 266 14.68 -4.70 -2.42
CA MET C 266 14.57 -4.60 -0.99
C MET C 266 13.48 -3.60 -0.68
N TYR C 267 12.33 -4.08 -0.24
CA TYR C 267 11.21 -3.24 0.20
C TYR C 267 11.01 -3.25 1.72
N MET C 268 10.51 -2.14 2.27
CA MET C 268 10.19 -2.04 3.72
C MET C 268 8.68 -2.29 3.98
N SER D 22 -10.55 -6.77 31.01
CA SER D 22 -11.39 -7.32 29.91
C SER D 22 -11.77 -6.16 28.99
N MET D 23 -13.07 -5.90 28.78
CA MET D 23 -13.55 -4.82 27.92
C MET D 23 -13.83 -3.51 28.67
N SER D 24 -14.02 -3.59 29.99
CA SER D 24 -14.31 -2.42 30.83
C SER D 24 -13.19 -1.36 30.86
N LEU D 25 -13.59 -0.08 30.85
CA LEU D 25 -12.66 1.05 30.98
C LEU D 25 -12.88 1.73 32.32
N GLN D 26 -13.48 0.98 33.23
CA GLN D 26 -13.62 1.39 34.62
C GLN D 26 -12.31 1.90 35.15
N GLY D 27 -12.33 3.10 35.70
CA GLY D 27 -11.14 3.71 36.27
C GLY D 27 -10.21 4.42 35.30
N LYS D 28 -10.57 4.47 34.03
CA LYS D 28 -9.77 5.21 33.06
C LYS D 28 -10.44 6.53 32.84
N VAL D 29 -9.63 7.54 32.53
CA VAL D 29 -10.16 8.79 32.03
C VAL D 29 -9.83 8.94 30.54
N ALA D 30 -10.84 9.37 29.77
CA ALA D 30 -10.74 9.52 28.33
C ALA D 30 -11.08 10.95 27.86
N LEU D 31 -10.26 11.46 26.97
CA LEU D 31 -10.47 12.77 26.38
C LEU D 31 -10.85 12.49 24.95
N VAL D 32 -11.92 13.11 24.50
CA VAL D 32 -12.41 12.89 23.19
C VAL D 32 -12.65 14.23 22.56
N THR D 33 -11.87 14.58 21.55
CA THR D 33 -12.02 15.89 20.94
C THR D 33 -13.10 15.85 19.93
N GLY D 34 -13.65 17.03 19.65
CA GLY D 34 -14.77 17.16 18.69
C GLY D 34 -15.92 16.23 19.02
N ALA D 35 -16.36 16.23 20.27
CA ALA D 35 -17.37 15.29 20.75
C ALA D 35 -18.81 15.77 20.73
N SER D 36 -19.09 16.93 20.12
CA SER D 36 -20.42 17.54 20.28
C SER D 36 -21.50 16.90 19.41
N ARG D 37 -21.09 16.13 18.39
CA ARG D 37 -22.03 15.48 17.48
C ARG D 37 -21.40 14.34 16.69
N GLY D 38 -22.24 13.60 15.98
CA GLY D 38 -21.85 12.52 15.11
C GLY D 38 -20.84 11.56 15.74
N ILE D 39 -19.81 11.28 14.98
CA ILE D 39 -18.81 10.28 15.34
C ILE D 39 -18.23 10.54 16.72
N GLY D 40 -17.72 11.75 16.95
CA GLY D 40 -17.14 12.12 18.22
C GLY D 40 -18.07 11.94 19.39
N GLN D 41 -19.32 12.33 19.19
CA GLN D 41 -20.34 12.07 20.20
C GLN D 41 -20.53 10.57 20.43
N ALA D 42 -20.76 9.83 19.37
CA ALA D 42 -20.97 8.37 19.52
C ALA D 42 -19.80 7.71 20.28
N ILE D 43 -18.58 8.20 20.04
CA ILE D 43 -17.40 7.68 20.77
C ILE D 43 -17.41 8.09 22.22
N ALA D 44 -17.77 9.33 22.51
CA ALA D 44 -17.84 9.77 23.90
C ALA D 44 -18.79 8.86 24.67
N LEU D 45 -19.96 8.62 24.10
CA LEU D 45 -20.95 7.76 24.74
C LEU D 45 -20.51 6.32 24.88
N GLU D 46 -19.78 5.80 23.88
CA GLU D 46 -19.37 4.41 23.94
C GLU D 46 -18.32 4.20 25.02
N LEU D 47 -17.38 5.12 25.12
CA LEU D 47 -16.34 5.00 26.14
C LEU D 47 -16.98 5.20 27.51
N GLY D 48 -17.90 6.15 27.62
CA GLY D 48 -18.70 6.32 28.83
C GLY D 48 -19.39 5.02 29.25
N ARG D 49 -20.12 4.42 28.33
CA ARG D 49 -20.84 3.17 28.60
C ARG D 49 -19.91 2.01 28.93
N LEU D 50 -18.68 2.03 28.44
CA LEU D 50 -17.72 1.03 28.83
C LEU D 50 -17.13 1.32 30.22
N GLY D 51 -17.53 2.42 30.84
CA GLY D 51 -17.15 2.68 32.22
C GLY D 51 -16.19 3.83 32.42
N ALA D 52 -15.67 4.39 31.36
CA ALA D 52 -14.70 5.47 31.53
C ALA D 52 -15.32 6.80 31.96
N VAL D 53 -14.52 7.57 32.64
CA VAL D 53 -14.84 8.97 32.82
C VAL D 53 -14.45 9.68 31.53
N VAL D 54 -15.32 10.53 31.02
CA VAL D 54 -15.16 11.08 29.68
C VAL D 54 -15.19 12.59 29.65
N ILE D 55 -14.15 13.20 29.13
CA ILE D 55 -14.14 14.62 28.82
C ILE D 55 -14.27 14.79 27.31
N GLY D 56 -15.41 15.30 26.85
CA GLY D 56 -15.60 15.65 25.45
C GLY D 56 -15.27 17.12 25.26
N THR D 57 -14.79 17.49 24.07
CA THR D 57 -14.44 18.89 23.82
C THR D 57 -14.97 19.42 22.52
N ALA D 58 -15.10 20.75 22.45
CA ALA D 58 -15.57 21.45 21.26
C ALA D 58 -14.85 22.79 21.10
N THR D 59 -14.98 23.42 19.93
CA THR D 59 -14.30 24.66 19.69
C THR D 59 -15.06 25.82 20.34
N SER D 60 -16.36 25.62 20.54
CA SER D 60 -17.23 26.66 21.04
C SER D 60 -17.74 26.31 22.42
N ALA D 61 -18.04 27.35 23.19
CA ALA D 61 -18.68 27.20 24.49
C ALA D 61 -20.06 26.51 24.42
N SER D 62 -20.81 26.73 23.35
CA SER D 62 -22.13 26.10 23.21
C SER D 62 -22.03 24.60 22.98
N GLY D 63 -21.12 24.20 22.10
CA GLY D 63 -20.77 22.79 21.93
C GLY D 63 -20.32 22.11 23.23
N ALA D 64 -19.49 22.79 24.01
CA ALA D 64 -19.06 22.27 25.31
C ALA D 64 -20.21 22.10 26.31
N GLU D 65 -21.19 23.01 26.26
CA GLU D 65 -22.43 22.87 27.02
C GLU D 65 -23.17 21.63 26.53
N LYS D 66 -23.33 21.51 25.22
CA LYS D 66 -24.08 20.39 24.64
C LYS D 66 -23.49 19.03 25.04
N ILE D 67 -22.17 18.96 25.00
CA ILE D 67 -21.48 17.74 25.41
C ILE D 67 -21.81 17.42 26.85
N ALA D 68 -21.56 18.36 27.76
CA ALA D 68 -21.82 18.13 29.20
C ALA D 68 -23.26 17.69 29.45
N GLU D 69 -24.21 18.31 28.76
CA GLU D 69 -25.62 17.92 28.83
C GLU D 69 -25.83 16.49 28.38
N THR D 70 -25.21 16.16 27.25
CA THR D 70 -25.34 14.82 26.65
C THR D 70 -24.78 13.73 27.55
N LEU D 71 -23.63 14.00 28.17
CA LEU D 71 -23.01 13.06 29.10
C LEU D 71 -23.86 12.79 30.32
N LYS D 72 -24.32 13.87 30.96
CA LYS D 72 -25.19 13.72 32.11
C LYS D 72 -26.43 12.89 31.76
N ALA D 73 -27.13 13.28 30.70
CA ALA D 73 -28.29 12.52 30.22
C ALA D 73 -28.05 11.02 30.00
N ASN D 74 -26.81 10.62 29.67
CA ASN D 74 -26.52 9.18 29.44
C ASN D 74 -25.85 8.47 30.62
N GLY D 75 -25.75 9.15 31.75
CA GLY D 75 -25.26 8.52 32.98
C GLY D 75 -23.76 8.35 32.96
N VAL D 76 -23.07 9.32 32.38
CA VAL D 76 -21.62 9.24 32.21
C VAL D 76 -20.93 10.36 32.99
N GLU D 77 -20.07 9.99 33.93
CA GLU D 77 -19.38 10.99 34.70
C GLU D 77 -18.32 11.63 33.77
N GLY D 78 -18.25 12.96 33.78
CA GLY D 78 -17.18 13.64 33.06
C GLY D 78 -17.47 15.12 32.89
N ALA D 79 -17.16 15.65 31.71
CA ALA D 79 -17.29 17.08 31.46
C ALA D 79 -17.24 17.43 29.97
N GLY D 80 -17.78 18.60 29.65
CA GLY D 80 -17.63 19.22 28.32
C GLY D 80 -16.76 20.44 28.45
N LEU D 81 -15.68 20.51 27.69
CA LEU D 81 -14.77 21.66 27.73
C LEU D 81 -14.57 22.27 26.36
N VAL D 82 -13.95 23.45 26.34
CA VAL D 82 -13.66 24.13 25.11
C VAL D 82 -12.21 23.88 24.85
N LEU D 83 -11.90 23.42 23.63
CA LEU D 83 -10.53 23.12 23.28
C LEU D 83 -10.26 23.46 21.85
N ASP D 84 -9.19 24.18 21.64
CA ASP D 84 -8.77 24.48 20.30
C ASP D 84 -7.39 23.84 20.12
N VAL D 85 -7.40 22.70 19.41
CA VAL D 85 -6.18 21.92 19.21
C VAL D 85 -5.11 22.66 18.39
N SER D 86 -5.47 23.74 17.71
CA SER D 86 -4.47 24.56 17.02
C SER D 86 -3.71 25.47 17.95
N SER D 87 -4.15 25.58 19.21
CA SER D 87 -3.51 26.49 20.16
C SER D 87 -2.75 25.81 21.28
N ASP D 88 -1.43 26.03 21.35
CA ASP D 88 -0.62 25.51 22.44
C ASP D 88 -1.21 25.89 23.80
N GLU D 89 -1.78 27.10 23.89
CA GLU D 89 -2.34 27.65 25.15
C GLU D 89 -3.59 26.89 25.54
N SER D 90 -4.53 26.78 24.59
CA SER D 90 -5.77 26.05 24.85
C SER D 90 -5.51 24.60 25.25
N VAL D 91 -4.51 23.99 24.61
CA VAL D 91 -4.16 22.60 24.92
C VAL D 91 -3.60 22.49 26.32
N ALA D 92 -2.55 23.26 26.61
CA ALA D 92 -1.93 23.23 27.95
C ALA D 92 -3.00 23.50 29.05
N ALA D 93 -3.86 24.50 28.80
CA ALA D 93 -4.89 24.92 29.73
C ALA D 93 -5.91 23.80 29.96
N THR D 94 -6.40 23.22 28.89
CA THR D 94 -7.45 22.20 29.01
C THR D 94 -6.95 20.93 29.74
N LEU D 95 -5.72 20.54 29.47
CA LEU D 95 -5.10 19.41 30.18
CA LEU D 95 -5.11 19.40 30.18
C LEU D 95 -4.91 19.71 31.66
N GLU D 96 -4.38 20.90 31.94
CA GLU D 96 -4.22 21.36 33.31
C GLU D 96 -5.53 21.23 34.07
N HIS D 97 -6.60 21.77 33.50
CA HIS D 97 -7.93 21.68 34.09
C HIS D 97 -8.33 20.22 34.35
N ILE D 98 -8.10 19.36 33.37
CA ILE D 98 -8.54 17.97 33.49
C ILE D 98 -7.80 17.25 34.61
N GLN D 99 -6.50 17.46 34.69
CA GLN D 99 -5.67 16.82 35.72
C GLN D 99 -6.11 17.23 37.12
N GLN D 100 -6.39 18.53 37.28
CA GLN D 100 -6.81 19.07 38.56
C GLN D 100 -8.16 18.55 39.03
N HIS D 101 -9.13 18.52 38.12
CA HIS D 101 -10.50 18.16 38.51
C HIS D 101 -10.90 16.70 38.33
N LEU D 102 -10.28 15.97 37.39
CA LEU D 102 -10.81 14.63 36.99
C LEU D 102 -9.85 13.46 36.93
N GLY D 103 -8.56 13.74 36.76
CA GLY D 103 -7.53 12.72 36.65
C GLY D 103 -6.78 12.88 35.34
N GLN D 104 -5.75 12.08 35.15
CA GLN D 104 -4.98 12.10 33.90
C GLN D 104 -5.72 11.33 32.81
N PRO D 105 -5.84 11.92 31.60
CA PRO D 105 -6.49 11.16 30.53
C PRO D 105 -5.49 10.24 29.86
N LEU D 106 -5.73 8.93 29.99
CA LEU D 106 -4.86 7.91 29.45
C LEU D 106 -5.43 7.27 28.17
N ILE D 107 -6.68 7.61 27.85
CA ILE D 107 -7.26 7.31 26.59
C ILE D 107 -7.53 8.66 25.93
N VAL D 108 -6.98 8.87 24.73
CA VAL D 108 -7.20 10.10 23.98
C VAL D 108 -7.65 9.78 22.55
N VAL D 109 -8.77 10.34 22.16
CA VAL D 109 -9.33 10.11 20.87
C VAL D 109 -9.41 11.43 20.13
N ASN D 110 -8.59 11.58 19.08
CA ASN D 110 -8.57 12.80 18.29
C ASN D 110 -9.57 12.67 17.18
N ASN D 111 -10.54 13.56 17.15
CA ASN D 111 -11.62 13.47 16.15
C ASN D 111 -11.75 14.75 15.34
N ALA D 112 -12.14 15.85 15.98
CA ALA D 112 -11.89 17.19 15.41
C ALA D 112 -12.34 17.39 13.89
N GLY D 113 -11.76 18.39 13.22
CA GLY D 113 -12.09 18.77 11.81
C GLY D 113 -11.04 19.71 11.19
N ARG D 122 -17.85 24.23 -3.53
CA ARG D 122 -16.69 25.07 -3.31
C ARG D 122 -15.41 24.21 -3.16
N MET D 123 -15.49 22.98 -2.62
CA MET D 123 -14.27 22.19 -2.34
C MET D 123 -13.39 22.18 -3.60
N LYS D 124 -12.13 22.58 -3.45
CA LYS D 124 -11.18 22.75 -4.57
C LYS D 124 -10.09 21.68 -4.52
N ASP D 125 -9.55 21.36 -5.70
CA ASP D 125 -8.52 20.35 -5.80
C ASP D 125 -7.20 20.80 -5.21
N ASP D 126 -7.03 22.07 -4.81
CA ASP D 126 -5.76 22.60 -4.27
C ASP D 126 -5.72 22.81 -2.76
N GLU D 127 -6.68 22.27 -2.02
CA GLU D 127 -6.83 22.54 -0.57
C GLU D 127 -6.18 21.47 0.32
N TRP D 128 -5.90 20.33 -0.27
CA TRP D 128 -5.48 19.14 0.43
C TRP D 128 -4.28 19.39 1.32
N PHE D 129 -3.31 20.18 0.86
CA PHE D 129 -2.06 20.31 1.61
C PHE D 129 -2.24 20.98 2.94
N ASP D 130 -2.90 22.13 2.94
CA ASP D 130 -3.16 22.87 4.15
C ASP D 130 -3.98 22.07 5.13
N VAL D 131 -4.94 21.32 4.61
CA VAL D 131 -5.77 20.50 5.44
C VAL D 131 -4.97 19.43 6.16
N VAL D 132 -4.14 18.70 5.43
CA VAL D 132 -3.35 17.68 6.07
C VAL D 132 -2.33 18.27 7.08
N ASN D 133 -1.70 19.35 6.68
CA ASN D 133 -0.70 20.04 7.46
C ASN D 133 -1.29 20.52 8.77
N THR D 134 -2.51 21.03 8.69
CA THR D 134 -3.18 21.46 9.87
C THR D 134 -3.59 20.26 10.74
N ASN D 135 -4.25 19.24 10.16
CA ASN D 135 -4.71 18.11 10.96
C ASN D 135 -3.53 17.52 11.73
N LEU D 136 -2.42 17.28 11.05
CA LEU D 136 -1.31 16.58 11.64
C LEU D 136 -0.54 17.43 12.65
N ASN D 137 -0.43 18.73 12.42
CA ASN D 137 0.17 19.61 13.44
C ASN D 137 -0.68 19.66 14.69
N SER D 138 -1.99 19.62 14.52
CA SER D 138 -2.89 19.48 15.64
C SER D 138 -2.80 18.14 16.36
N LEU D 139 -2.73 17.03 15.64
CA LEU D 139 -2.57 15.75 16.29
C LEU D 139 -1.29 15.77 17.05
N TYR D 140 -0.21 16.26 16.45
CA TYR D 140 1.08 16.22 17.09
C TYR D 140 1.07 17.01 18.39
N ARG D 141 0.39 18.14 18.35
CA ARG D 141 0.39 19.03 19.48
C ARG D 141 -0.35 18.40 20.66
N LEU D 142 -1.54 17.87 20.37
CA LEU D 142 -2.32 17.28 21.44
C LEU D 142 -1.66 15.99 21.93
N SER D 143 -1.13 15.19 21.01
CA SER D 143 -0.59 13.90 21.38
C SER D 143 0.62 14.08 22.29
N LYS D 144 1.54 14.94 21.90
CA LYS D 144 2.73 15.24 22.69
CA LYS D 144 2.72 15.17 22.72
C LYS D 144 2.40 15.69 24.12
N ALA D 145 1.32 16.44 24.27
CA ALA D 145 0.94 16.95 25.57
C ALA D 145 0.38 15.85 26.47
N VAL D 146 -0.47 14.96 25.92
CA VAL D 146 -1.03 13.88 26.74
C VAL D 146 -0.03 12.75 26.99
N LEU D 147 1.08 12.72 26.26
CA LEU D 147 2.08 11.68 26.47
C LEU D 147 2.85 11.70 27.78
N ARG D 148 3.01 12.86 28.40
CA ARG D 148 3.71 12.91 29.70
C ARG D 148 2.99 12.04 30.67
N GLY D 149 1.68 12.27 30.76
CA GLY D 149 0.82 11.47 31.60
C GLY D 149 0.90 9.98 31.33
N MET D 150 0.86 9.63 30.06
CA MET D 150 0.86 8.21 29.68
C MET D 150 2.20 7.56 29.94
N THR D 151 3.27 8.33 29.78
CA THR D 151 4.63 7.85 30.08
C THR D 151 4.81 7.55 31.56
N LYS D 152 4.38 8.47 32.41
CA LYS D 152 4.40 8.28 33.85
C LYS D 152 3.54 7.08 34.24
N ALA D 153 2.35 6.91 33.67
CA ALA D 153 1.53 5.72 33.99
C ALA D 153 2.04 4.42 33.33
N ARG D 154 2.95 4.53 32.35
CA ARG D 154 3.35 3.37 31.52
C ARG D 154 2.14 2.62 30.90
N TRP D 155 1.20 3.42 30.42
CA TRP D 155 0.03 2.91 29.78
C TRP D 155 -0.68 4.04 29.06
N GLY D 156 -1.20 3.75 27.89
CA GLY D 156 -1.89 4.76 27.12
C GLY D 156 -2.59 4.23 25.90
N ARG D 157 -3.55 5.00 25.43
CA ARG D 157 -4.23 4.69 24.18
C ARG D 157 -4.44 5.99 23.45
N ILE D 158 -3.81 6.15 22.29
CA ILE D 158 -4.13 7.24 21.46
C ILE D 158 -4.81 6.71 20.23
N ILE D 159 -5.91 7.35 19.87
CA ILE D 159 -6.70 6.89 18.77
C ILE D 159 -7.15 8.03 17.91
N ASN D 160 -6.72 7.99 16.66
CA ASN D 160 -6.96 9.08 15.73
C ASN D 160 -8.03 8.69 14.75
N ILE D 161 -9.06 9.53 14.64
CA ILE D 161 -10.16 9.27 13.75
C ILE D 161 -9.96 10.06 12.48
N GLY D 162 -10.01 9.36 11.36
CA GLY D 162 -9.88 10.01 10.06
C GLY D 162 -11.18 10.61 9.60
N SER D 163 -11.16 11.28 8.46
CA SER D 163 -12.27 12.05 7.98
C SER D 163 -13.12 11.17 7.13
N VAL D 164 -14.41 11.27 7.33
CA VAL D 164 -15.32 10.61 6.45
C VAL D 164 -15.16 11.29 5.10
N VAL D 165 -15.65 10.64 4.06
CA VAL D 165 -15.62 11.22 2.72
C VAL D 165 -16.51 12.46 2.71
N GLY D 166 -15.99 13.57 2.17
CA GLY D 166 -16.59 14.89 2.38
C GLY D 166 -17.49 15.45 1.29
N ALA D 167 -17.27 14.96 0.06
CA ALA D 167 -17.72 15.56 -1.20
C ALA D 167 -17.44 14.45 -2.18
N MET D 168 -18.32 14.38 -3.19
CA MET D 168 -18.22 13.38 -4.25
C MET D 168 -17.29 13.78 -5.41
N GLY D 169 -16.81 15.03 -5.49
CA GLY D 169 -15.95 15.34 -6.63
C GLY D 169 -14.64 14.56 -6.67
N ASN D 170 -13.81 14.91 -7.64
CA ASN D 170 -12.38 14.61 -7.62
C ASN D 170 -11.68 15.29 -6.46
N ALA D 171 -12.06 16.52 -6.16
CA ALA D 171 -11.41 17.25 -5.06
C ALA D 171 -11.70 16.56 -3.72
N GLY D 172 -12.90 16.03 -3.58
CA GLY D 172 -13.28 15.30 -2.40
C GLY D 172 -12.48 14.02 -2.29
N GLN D 173 -12.22 13.36 -3.40
CA GLN D 173 -11.34 12.21 -3.38
C GLN D 173 -9.91 12.58 -3.00
N THR D 174 -9.40 13.68 -3.54
CA THR D 174 -7.99 14.06 -3.32
C THR D 174 -7.76 14.36 -1.87
N ASN D 175 -8.69 15.12 -1.29
CA ASN D 175 -8.59 15.56 0.08
C ASN D 175 -8.69 14.38 0.97
N TYR D 176 -9.71 13.57 0.72
CA TYR D 176 -9.95 12.38 1.51
C TYR D 176 -8.73 11.43 1.48
N ALA D 177 -8.25 11.13 0.29
CA ALA D 177 -7.13 10.26 0.17
C ALA D 177 -5.87 10.86 0.81
N ALA D 178 -5.64 12.17 0.69
CA ALA D 178 -4.40 12.80 1.27
C ALA D 178 -4.40 12.77 2.75
N ALA D 179 -5.54 13.14 3.34
CA ALA D 179 -5.71 13.06 4.78
C ALA D 179 -5.53 11.67 5.29
N LYS D 180 -6.09 10.71 4.59
CA LYS D 180 -5.99 9.33 5.03
C LYS D 180 -4.56 8.83 4.97
N ALA D 181 -3.86 9.14 3.87
CA ALA D 181 -2.48 8.71 3.73
C ALA D 181 -1.64 9.31 4.80
N GLY D 182 -1.86 10.59 5.07
CA GLY D 182 -1.11 11.32 6.15
C GLY D 182 -1.41 10.80 7.53
N LEU D 183 -2.68 10.54 7.79
CA LEU D 183 -3.05 9.99 9.07
C LEU D 183 -2.38 8.63 9.33
N GLU D 184 -2.35 7.80 8.31
CA GLU D 184 -1.77 6.46 8.46
C GLU D 184 -0.29 6.47 8.74
N GLY D 185 0.42 7.32 8.00
CA GLY D 185 1.88 7.39 8.18
C GLY D 185 2.24 8.00 9.53
N PHE D 186 1.53 9.05 9.87
CA PHE D 186 1.69 9.71 11.16
C PHE D 186 1.44 8.75 12.29
N THR D 187 0.32 8.03 12.24
CA THR D 187 -0.02 7.06 13.29
C THR D 187 1.03 5.96 13.42
N ARG D 188 1.53 5.50 12.29
CA ARG D 188 2.58 4.48 12.28
C ARG D 188 3.84 5.00 12.95
N ALA D 189 4.18 6.26 12.68
CA ALA D 189 5.45 6.80 13.18
C ALA D 189 5.36 7.06 14.66
N LEU D 190 4.29 7.68 15.10
CA LEU D 190 4.14 7.96 16.50
C LEU D 190 4.08 6.69 17.32
N ALA D 191 3.45 5.67 16.79
CA ALA D 191 3.42 4.37 17.45
C ALA D 191 4.82 3.80 17.66
N ARG D 192 5.69 3.91 16.68
CA ARG D 192 7.09 3.49 16.88
C ARG D 192 7.81 4.29 17.97
N GLU D 193 7.55 5.58 18.02
CA GLU D 193 8.18 6.46 19.00
C GLU D 193 7.82 6.13 20.44
N VAL D 194 6.59 5.71 20.71
CA VAL D 194 6.09 5.61 22.08
C VAL D 194 5.79 4.19 22.54
N GLY D 195 6.08 3.22 21.69
CA GLY D 195 5.86 1.81 22.01
C GLY D 195 6.50 1.24 23.24
N SER D 196 7.74 1.62 23.55
CA SER D 196 8.40 1.02 24.72
C SER D 196 7.66 1.34 26.03
N ARG D 197 6.86 2.40 26.03
CA ARG D 197 6.15 2.83 27.23
C ARG D 197 4.78 2.23 27.33
N ALA D 198 4.52 1.18 26.56
CA ALA D 198 3.18 0.53 26.50
C ALA D 198 1.99 1.45 26.21
N ILE D 199 2.23 2.40 25.33
CA ILE D 199 1.22 3.26 24.79
C ILE D 199 0.98 2.80 23.37
N THR D 200 -0.28 2.58 22.99
CA THR D 200 -0.57 2.24 21.62
C THR D 200 -1.14 3.45 20.93
N VAL D 201 -0.82 3.54 19.64
CA VAL D 201 -1.32 4.59 18.78
C VAL D 201 -1.91 3.93 17.52
N ASN D 202 -3.21 4.14 17.34
CA ASN D 202 -3.90 3.59 16.23
C ASN D 202 -4.79 4.62 15.62
N ALA D 203 -5.26 4.33 14.43
CA ALA D 203 -6.21 5.21 13.83
C ALA D 203 -7.42 4.41 13.35
N VAL D 204 -8.51 5.09 13.07
CA VAL D 204 -9.71 4.49 12.50
C VAL D 204 -10.11 5.29 11.27
N ALA D 205 -10.18 4.65 10.14
CA ALA D 205 -10.42 5.36 8.89
C ALA D 205 -11.83 5.06 8.42
N PRO D 206 -12.79 5.98 8.69
CA PRO D 206 -14.12 5.73 8.23
C PRO D 206 -14.22 5.89 6.74
N GLY D 207 -15.27 5.33 6.20
CA GLY D 207 -15.60 5.52 4.82
C GLY D 207 -16.73 6.57 4.67
N PHE D 208 -17.90 6.09 4.30
CA PHE D 208 -19.10 6.92 4.24
C PHE D 208 -20.04 6.69 5.39
N ILE D 209 -20.29 7.74 6.16
CA ILE D 209 -21.31 7.70 7.20
C ILE D 209 -22.45 8.65 6.73
N ASP D 210 -23.61 8.49 7.33
CA ASP D 210 -24.72 9.44 7.08
C ASP D 210 -24.34 10.89 7.36
N THR D 211 -24.33 11.72 6.32
CA THR D 211 -24.06 13.17 6.46
C THR D 211 -25.04 14.02 5.64
N ASP D 212 -25.06 15.32 5.97
CA ASP D 212 -25.86 16.25 5.21
C ASP D 212 -25.63 16.08 3.72
N MET D 213 -24.36 15.94 3.33
CA MET D 213 -24.05 15.77 1.91
C MET D 213 -24.67 14.52 1.30
N THR D 214 -24.61 13.39 2.04
CA THR D 214 -25.10 12.13 1.49
C THR D 214 -26.63 12.07 1.54
N ARG D 215 -27.20 12.85 2.45
CA ARG D 215 -28.65 12.98 2.53
C ARG D 215 -29.25 13.70 1.32
N GLU D 216 -28.46 14.57 0.68
CA GLU D 216 -28.91 15.38 -0.47
C GLU D 216 -28.63 14.73 -1.81
N LEU D 217 -27.98 13.58 -1.83
CA LEU D 217 -27.81 12.92 -3.12
C LEU D 217 -29.16 12.53 -3.70
N PRO D 218 -29.38 12.87 -4.96
CA PRO D 218 -30.56 12.33 -5.63
C PRO D 218 -30.42 10.82 -5.72
N GLU D 219 -31.55 10.11 -5.79
CA GLU D 219 -31.63 8.63 -5.76
C GLU D 219 -30.65 7.89 -6.70
N ALA D 220 -30.48 8.39 -7.92
CA ALA D 220 -29.56 7.74 -8.87
C ALA D 220 -28.10 7.77 -8.38
N GLN D 221 -27.66 8.92 -7.86
CA GLN D 221 -26.28 9.06 -7.36
C GLN D 221 -26.09 8.35 -6.03
N ARG D 222 -27.12 8.34 -5.19
CA ARG D 222 -27.05 7.58 -3.98
C ARG D 222 -26.90 6.10 -4.29
N GLU D 223 -27.65 5.60 -5.28
CA GLU D 223 -27.65 4.16 -5.65
C GLU D 223 -26.26 3.81 -6.16
N ALA D 224 -25.65 4.73 -6.92
CA ALA D 224 -24.33 4.52 -7.48
C ALA D 224 -23.27 4.53 -6.37
N LEU D 225 -23.42 5.38 -5.37
CA LEU D 225 -22.48 5.39 -4.23
C LEU D 225 -22.62 4.14 -3.38
N LEU D 226 -23.86 3.79 -3.04
CA LEU D 226 -24.14 2.55 -2.36
C LEU D 226 -23.64 1.36 -3.15
N GLY D 227 -23.77 1.43 -4.45
CA GLY D 227 -23.30 0.37 -5.33
C GLY D 227 -21.80 0.17 -5.26
N GLN D 228 -21.05 1.20 -4.82
CA GLN D 228 -19.62 1.05 -4.65
CA GLN D 228 -19.60 1.12 -4.63
C GLN D 228 -19.23 0.53 -3.25
N ILE D 229 -20.22 0.27 -2.40
CA ILE D 229 -20.01 -0.21 -1.05
C ILE D 229 -20.56 -1.60 -0.98
N PRO D 230 -19.69 -2.59 -0.84
CA PRO D 230 -20.13 -3.99 -0.81
C PRO D 230 -21.23 -4.30 0.23
N LEU D 231 -21.19 -3.66 1.40
CA LEU D 231 -22.25 -3.89 2.37
C LEU D 231 -23.55 -3.26 1.96
N GLY D 232 -23.49 -2.31 1.03
CA GLY D 232 -24.74 -1.79 0.44
C GLY D 232 -25.48 -0.79 1.30
N ARG D 233 -24.77 -0.20 2.25
CA ARG D 233 -25.32 0.79 3.11
C ARG D 233 -24.23 1.73 3.63
N LEU D 234 -24.64 2.88 4.10
CA LEU D 234 -23.78 3.79 4.84
C LEU D 234 -23.53 3.23 6.26
N GLY D 235 -22.46 3.70 6.86
CA GLY D 235 -22.05 3.27 8.19
C GLY D 235 -22.60 4.19 9.22
N GLN D 236 -22.81 3.66 10.42
CA GLN D 236 -23.40 4.41 11.51
C GLN D 236 -22.27 4.93 12.37
N ALA D 237 -22.43 6.12 12.91
CA ALA D 237 -21.49 6.65 13.89
C ALA D 237 -21.14 5.63 14.97
N GLU D 238 -22.13 4.86 15.43
CA GLU D 238 -21.94 3.89 16.51
C GLU D 238 -20.98 2.79 16.09
N GLU D 239 -21.00 2.48 14.80
CA GLU D 239 -20.12 1.44 14.24
C GLU D 239 -18.66 1.91 14.26
N ILE D 240 -18.39 3.21 14.14
CA ILE D 240 -17.05 3.72 14.30
C ILE D 240 -16.68 3.65 15.78
N ALA D 241 -17.61 4.10 16.62
CA ALA D 241 -17.39 4.15 18.05
C ALA D 241 -17.07 2.79 18.68
N LYS D 242 -17.72 1.72 18.21
CA LYS D 242 -17.41 0.41 18.74
C LYS D 242 -15.97 -0.03 18.50
N VAL D 243 -15.43 0.37 17.34
CA VAL D 243 -14.10 -0.02 16.96
C VAL D 243 -13.12 0.70 17.88
N VAL D 244 -13.44 1.95 18.13
CA VAL D 244 -12.66 2.76 19.00
C VAL D 244 -12.66 2.18 20.40
N GLY D 245 -13.83 1.80 20.87
CA GLY D 245 -13.95 1.21 22.18
C GLY D 245 -13.09 -0.03 22.35
N PHE D 246 -13.04 -0.84 21.30
CA PHE D 246 -12.21 -2.03 21.36
C PHE D 246 -10.72 -1.67 21.39
N LEU D 247 -10.29 -0.80 20.50
CA LEU D 247 -8.91 -0.30 20.54
C LEU D 247 -8.50 0.24 21.90
N ALA D 248 -9.42 0.82 22.62
CA ALA D 248 -9.11 1.40 23.91
C ALA D 248 -8.94 0.36 25.01
N SER D 249 -9.50 -0.83 24.79
CA SER D 249 -9.46 -1.90 25.77
C SER D 249 -8.10 -2.58 25.92
N ASP D 250 -7.96 -3.37 27.00
CA ASP D 250 -6.72 -4.08 27.30
C ASP D 250 -6.52 -5.18 26.29
N GLY D 251 -7.59 -5.65 25.66
CA GLY D 251 -7.47 -6.68 24.65
C GLY D 251 -6.80 -6.23 23.35
N ALA D 252 -6.77 -4.92 23.11
CA ALA D 252 -6.12 -4.39 21.92
C ALA D 252 -4.67 -3.97 22.22
N ALA D 253 -4.06 -4.53 23.25
CA ALA D 253 -2.77 -4.04 23.70
C ALA D 253 -1.62 -4.29 22.74
N TYR D 254 -1.75 -5.26 21.85
CA TYR D 254 -0.67 -5.57 20.90
C TYR D 254 -0.99 -4.99 19.53
N VAL D 255 -2.07 -4.23 19.46
CA VAL D 255 -2.38 -3.50 18.23
C VAL D 255 -1.86 -2.10 18.35
N THR D 256 -0.84 -1.77 17.57
CA THR D 256 -0.38 -0.40 17.52
C THR D 256 0.23 -0.09 16.16
N GLY D 257 0.16 1.19 15.80
CA GLY D 257 0.58 1.65 14.47
C GLY D 257 -0.43 1.37 13.38
N ALA D 258 -1.60 0.85 13.77
CA ALA D 258 -2.55 0.38 12.76
C ALA D 258 -3.55 1.41 12.44
N THR D 259 -3.98 1.40 11.21
CA THR D 259 -5.14 2.13 10.80
C THR D 259 -6.24 1.14 10.44
N VAL D 260 -7.33 1.11 11.19
CA VAL D 260 -8.40 0.13 10.97
C VAL D 260 -9.46 0.78 10.12
N PRO D 261 -9.66 0.27 8.93
CA PRO D 261 -10.67 0.85 8.05
C PRO D 261 -12.08 0.36 8.32
N VAL D 262 -13.04 1.29 8.38
CA VAL D 262 -14.40 0.97 8.76
C VAL D 262 -15.27 1.60 7.69
N ASN D 263 -15.36 0.92 6.55
CA ASN D 263 -15.91 1.54 5.34
C ASN D 263 -16.83 0.64 4.54
N GLY D 264 -17.23 -0.47 5.13
CA GLY D 264 -18.14 -1.40 4.47
C GLY D 264 -17.56 -2.02 3.25
N GLY D 265 -16.25 -1.98 3.10
CA GLY D 265 -15.58 -2.64 1.99
C GLY D 265 -15.26 -1.76 0.80
N MET D 266 -15.61 -0.48 0.89
CA MET D 266 -15.26 0.51 -0.12
C MET D 266 -13.86 1.04 0.20
N TYR D 267 -12.85 0.61 -0.54
CA TYR D 267 -11.48 1.13 -0.39
C TYR D 267 -11.15 2.10 -1.51
N MET D 268 -10.56 3.21 -1.13
CA MET D 268 -10.28 4.33 -2.03
C MET D 268 -9.01 5.10 -1.55
N SER D 269 -8.13 5.41 -2.50
CA SER D 269 -6.91 6.16 -2.19
C SER D 269 -6.26 6.75 -3.45
#